data_3DYJ
#
_entry.id   3DYJ
#
_cell.length_a   58.713
_cell.length_b   57.648
_cell.length_c   92.547
_cell.angle_alpha   90.00
_cell.angle_beta   102.96
_cell.angle_gamma   90.00
#
_symmetry.space_group_name_H-M   'P 1 21 1'
#
loop_
_entity.id
_entity.type
_entity.pdbx_description
1 polymer TALIN-1
2 water water
#
_entity_poly.entity_id   1
_entity_poly.type   'polypeptide(L)'
_entity_poly.pdbx_seq_one_letter_code
;GIDPFTGIDPFTGTQACITAASAVSGIIADLDTTI(MSE)FATAGTLNREGAETFADHREGILKTAKVLVEDTKVLVQNA
AGSQEKLAQAAQSSVATITRLADVVKLGAASLGAEDPETQVVLINAVKDVAKALGDLISATKAAAGKVGDDPAVWQLKNS
AKV(MSE)VTNVTSLLKTVKAVEDEATKGTRALEATTEHIRQELAVFCSPEPPAKTSTPEDFIR(MSE)TKGIT(MSE)A
TAKAVAAGNSCRQEDVIATANLSRRAIAD(MSE)LRACKEAAFHPEVAPDVRLRALHYGRECANGYLELLDHVLLTLQKP
NPDLKQQLTGHSKRVAGSVTELIQAAEA(MSE)KGT
;
_entity_poly.pdbx_strand_id   A,B
#
# COMPACT_ATOMS: atom_id res chain seq x y z
N THR A 14 9.49 -14.17 47.53
CA THR A 14 10.83 -13.84 48.11
C THR A 14 11.94 -14.67 47.49
N GLN A 15 11.77 -15.99 47.48
CA GLN A 15 12.78 -16.82 46.84
C GLN A 15 12.88 -16.49 45.34
N ALA A 16 11.73 -16.37 44.68
CA ALA A 16 11.72 -16.00 43.26
C ALA A 16 12.40 -14.66 43.04
N CYS A 17 12.23 -13.71 43.98
CA CYS A 17 12.90 -12.39 43.88
C CYS A 17 14.42 -12.48 43.96
N ILE A 18 14.93 -13.31 44.86
CA ILE A 18 16.38 -13.50 44.97
C ILE A 18 16.94 -14.18 43.72
N THR A 19 16.33 -15.28 43.31
CA THR A 19 16.71 -16.02 42.08
C THR A 19 16.54 -15.08 40.90
N ALA A 20 15.46 -14.29 40.88
CA ALA A 20 15.27 -13.30 39.83
C ALA A 20 16.41 -12.28 39.80
N ALA A 21 16.88 -11.79 40.96
CA ALA A 21 17.98 -10.81 40.95
C ALA A 21 19.26 -11.38 40.33
N SER A 22 19.59 -12.62 40.65
CA SER A 22 20.74 -13.33 40.07
C SER A 22 20.59 -13.50 38.54
N ALA A 23 19.43 -13.96 38.12
CA ALA A 23 19.13 -14.10 36.69
C ALA A 23 19.29 -12.75 35.99
N VAL A 24 18.67 -11.69 36.52
CA VAL A 24 18.78 -10.34 35.89
C VAL A 24 20.23 -9.89 35.85
N SER A 25 21.00 -10.15 36.92
CA SER A 25 22.42 -9.86 36.89
C SER A 25 23.13 -10.55 35.72
N GLY A 26 22.80 -11.81 35.45
CA GLY A 26 23.43 -12.60 34.37
C GLY A 26 23.06 -12.02 33.02
N ILE A 27 21.79 -11.66 32.87
CA ILE A 27 21.28 -10.99 31.64
C ILE A 27 22.00 -9.68 31.31
N ILE A 28 22.14 -8.82 32.31
CA ILE A 28 22.88 -7.59 32.21
C ILE A 28 24.34 -7.89 31.83
N ALA A 29 24.98 -8.80 32.56
CA ALA A 29 26.35 -9.22 32.17
C ALA A 29 26.52 -9.70 30.70
N ASP A 30 25.54 -10.46 30.21
CA ASP A 30 25.48 -10.89 28.84
C ASP A 30 25.30 -9.73 27.84
N LEU A 31 24.53 -8.71 28.23
CA LEU A 31 24.39 -7.50 27.43
C LEU A 31 25.68 -6.70 27.46
N ASP A 32 26.42 -6.72 28.56
CA ASP A 32 27.77 -6.08 28.62
C ASP A 32 28.76 -6.73 27.62
N THR A 33 28.69 -8.04 27.47
CA THR A 33 29.51 -8.81 26.51
C THR A 33 29.21 -8.29 25.10
N THR A 34 27.92 -8.13 24.81
CA THR A 34 27.51 -7.67 23.50
C THR A 34 27.98 -6.24 23.25
N ILE A 35 27.86 -5.37 24.26
CA ILE A 35 28.39 -3.99 24.21
C ILE A 35 29.89 -3.98 23.85
N MSE A 36 30.63 -4.92 24.46
CA MSE A 36 32.07 -4.98 24.16
C MSE A 36 32.33 -5.41 22.72
O MSE A 36 33.18 -4.81 22.04
CB MSE A 36 32.80 -5.80 25.23
CG MSE A 36 33.21 -4.94 26.46
SE MSE A 36 34.24 -6.27 27.51
CE MSE A 36 35.49 -6.84 26.19
N PHE A 37 31.61 -6.40 22.22
CA PHE A 37 31.75 -6.74 20.83
C PHE A 37 31.48 -5.52 19.95
N ALA A 38 30.39 -4.81 20.27
CA ALA A 38 29.95 -3.71 19.41
C ALA A 38 30.98 -2.61 19.48
N THR A 39 31.51 -2.36 20.68
CA THR A 39 32.48 -1.28 20.92
C THR A 39 33.78 -1.46 20.14
N ALA A 40 34.19 -2.72 19.97
CA ALA A 40 35.42 -3.05 19.24
C ALA A 40 35.22 -3.00 17.74
N GLY A 41 33.97 -2.83 17.30
CA GLY A 41 33.65 -2.79 15.88
C GLY A 41 33.55 -4.20 15.35
N THR A 42 33.22 -5.14 16.23
CA THR A 42 33.22 -6.55 15.81
C THR A 42 31.82 -7.18 15.86
N LEU A 43 30.79 -6.37 16.14
CA LEU A 43 29.46 -6.97 16.25
C LEU A 43 28.87 -6.96 14.83
N ASN A 44 29.13 -8.01 14.10
CA ASN A 44 28.80 -8.01 12.67
C ASN A 44 27.37 -8.43 12.46
N ARG A 45 26.82 -7.93 11.37
CA ARG A 45 25.57 -8.39 10.82
C ARG A 45 25.63 -9.87 10.43
N GLU A 46 24.53 -10.61 10.64
CA GLU A 46 24.41 -11.98 10.10
C GLU A 46 23.85 -11.94 8.68
N GLY A 47 24.59 -12.50 7.72
CA GLY A 47 24.18 -12.53 6.31
C GLY A 47 23.85 -11.12 5.81
N ALA A 48 22.62 -10.95 5.30
CA ALA A 48 22.19 -9.67 4.74
C ALA A 48 20.97 -9.14 5.49
N GLU A 49 20.83 -9.54 6.76
CA GLU A 49 19.81 -9.00 7.68
C GLU A 49 19.93 -7.50 7.89
N THR A 50 18.82 -6.80 8.15
CA THR A 50 18.86 -5.39 8.49
C THR A 50 18.00 -5.25 9.74
N PHE A 51 17.97 -4.06 10.32
CA PHE A 51 17.13 -3.86 11.51
C PHE A 51 15.67 -4.29 11.31
N ALA A 52 15.22 -4.20 10.07
CA ALA A 52 13.82 -4.44 9.73
C ALA A 52 13.44 -5.92 10.07
N ASP A 53 14.43 -6.80 10.06
CA ASP A 53 14.26 -8.24 10.37
C ASP A 53 14.01 -8.52 11.85
N HIS A 54 14.22 -7.51 12.70
CA HIS A 54 14.25 -7.66 14.15
C HIS A 54 13.28 -6.74 14.87
N ARG A 55 12.89 -5.67 14.20
CA ARG A 55 12.18 -4.57 14.91
C ARG A 55 10.87 -5.08 15.49
N GLU A 56 10.16 -5.95 14.77
CA GLU A 56 8.82 -6.36 15.24
C GLU A 56 8.88 -7.15 16.54
N GLY A 57 9.84 -8.08 16.60
CA GLY A 57 10.00 -8.98 17.75
C GLY A 57 10.41 -8.16 18.95
N ILE A 58 11.25 -7.15 18.72
CA ILE A 58 11.71 -6.22 19.81
C ILE A 58 10.46 -5.49 20.37
N LEU A 59 9.69 -4.85 19.51
CA LEU A 59 8.50 -4.05 19.97
C LEU A 59 7.46 -4.90 20.63
N LYS A 60 7.20 -6.07 20.07
CA LYS A 60 6.20 -6.95 20.62
C LYS A 60 6.59 -7.42 22.03
N THR A 61 7.82 -7.89 22.14
CA THR A 61 8.35 -8.34 23.44
C THR A 61 8.39 -7.22 24.49
N ALA A 62 8.84 -6.04 24.08
CA ALA A 62 8.78 -4.86 24.95
C ALA A 62 7.39 -4.57 25.47
N LYS A 63 6.36 -4.74 24.65
CA LYS A 63 4.97 -4.52 25.16
C LYS A 63 4.46 -5.58 26.16
N VAL A 64 4.84 -6.84 25.97
CA VAL A 64 4.51 -7.90 26.91
C VAL A 64 5.12 -7.50 28.28
N LEU A 65 6.31 -6.92 28.24
CA LEU A 65 6.98 -6.43 29.46
C LEU A 65 6.18 -5.34 30.20
N VAL A 66 5.43 -4.54 29.45
CA VAL A 66 4.55 -3.56 30.10
C VAL A 66 3.39 -4.25 30.86
N GLU A 67 2.86 -5.33 30.27
CA GLU A 67 1.85 -6.13 30.92
C GLU A 67 2.45 -6.79 32.16
N ASP A 68 3.68 -7.28 32.03
CA ASP A 68 4.39 -7.93 33.14
C ASP A 68 4.62 -6.99 34.31
N THR A 69 4.84 -5.71 34.02
CA THR A 69 5.00 -4.65 35.04
C THR A 69 3.73 -4.51 35.87
N LYS A 70 2.60 -4.43 35.19
CA LYS A 70 1.32 -4.28 35.86
C LYS A 70 1.04 -5.49 36.73
N VAL A 71 1.34 -6.68 36.20
CA VAL A 71 1.14 -7.93 36.93
C VAL A 71 2.01 -8.00 38.20
N LEU A 72 3.25 -7.54 38.11
CA LEU A 72 4.14 -7.45 39.28
C LEU A 72 3.52 -6.58 40.33
N VAL A 73 3.13 -5.35 39.94
CA VAL A 73 2.50 -4.39 40.86
C VAL A 73 1.26 -5.06 41.48
N GLN A 74 0.42 -5.69 40.66
CA GLN A 74 -0.86 -6.21 41.14
C GLN A 74 -0.64 -7.35 42.12
N ASN A 75 0.43 -8.09 41.93
CA ASN A 75 0.63 -9.30 42.70
C ASN A 75 1.52 -9.24 43.93
N ALA A 76 2.00 -8.05 44.26
CA ALA A 76 2.84 -7.88 45.43
C ALA A 76 2.03 -8.15 46.71
N ALA A 77 0.81 -7.60 46.77
CA ALA A 77 -0.17 -8.01 47.78
C ALA A 77 -0.87 -9.24 47.23
N GLY A 78 -0.87 -10.30 48.02
CA GLY A 78 -1.45 -11.56 47.60
C GLY A 78 -0.44 -12.68 47.79
N SER A 79 -0.78 -13.85 47.27
CA SER A 79 0.05 -15.06 47.37
C SER A 79 1.54 -14.81 47.22
N GLN A 80 2.32 -15.50 48.05
CA GLN A 80 3.73 -15.72 47.79
C GLN A 80 3.87 -16.35 46.41
N GLU A 81 3.03 -17.34 46.11
CA GLU A 81 3.09 -18.03 44.82
C GLU A 81 2.84 -17.10 43.63
N LYS A 82 1.87 -16.21 43.76
CA LYS A 82 1.51 -15.27 42.68
C LYS A 82 2.58 -14.20 42.46
N LEU A 83 3.17 -13.73 43.54
CA LEU A 83 4.27 -12.83 43.43
C LEU A 83 5.42 -13.54 42.74
N ALA A 84 5.70 -14.77 43.19
CA ALA A 84 6.71 -15.62 42.58
C ALA A 84 6.48 -15.79 41.08
N GLN A 85 5.22 -16.03 40.71
CA GLN A 85 4.86 -16.21 39.30
C GLN A 85 5.13 -14.95 38.50
N ALA A 86 4.72 -13.80 39.02
CA ALA A 86 4.94 -12.52 38.34
C ALA A 86 6.43 -12.26 38.08
N ALA A 87 7.29 -12.52 39.09
CA ALA A 87 8.75 -12.40 38.95
C ALA A 87 9.27 -13.30 37.87
N GLN A 88 8.88 -14.58 37.91
CA GLN A 88 9.39 -15.56 36.95
C GLN A 88 8.97 -15.15 35.54
N SER A 89 7.68 -14.81 35.39
CA SER A 89 7.15 -14.38 34.09
C SER A 89 7.95 -13.22 33.54
N SER A 90 8.17 -12.21 34.38
CA SER A 90 8.85 -11.01 33.89
C SER A 90 10.28 -11.33 33.44
N VAL A 91 10.99 -12.20 34.16
CA VAL A 91 12.36 -12.52 33.82
C VAL A 91 12.43 -13.27 32.50
N ALA A 92 11.47 -14.16 32.26
CA ALA A 92 11.42 -14.83 30.96
C ALA A 92 11.29 -13.78 29.85
N THR A 93 10.43 -12.79 30.08
CA THR A 93 10.19 -11.76 29.05
C THR A 93 11.45 -10.89 28.83
N ILE A 94 12.11 -10.51 29.92
CA ILE A 94 13.30 -9.65 29.76
C ILE A 94 14.42 -10.44 29.12
N THR A 95 14.47 -11.76 29.36
CA THR A 95 15.47 -12.64 28.74
C THR A 95 15.34 -12.59 27.24
N ARG A 96 14.09 -12.73 26.78
CA ARG A 96 13.79 -12.71 25.35
C ARG A 96 14.08 -11.34 24.75
N LEU A 97 13.68 -10.28 25.47
CA LEU A 97 13.89 -8.89 25.01
C LEU A 97 15.36 -8.60 24.87
N ALA A 98 16.15 -8.93 25.89
CA ALA A 98 17.61 -8.88 25.78
C ALA A 98 18.09 -9.59 24.54
N ASP A 99 17.63 -10.83 24.31
CA ASP A 99 18.19 -11.62 23.21
C ASP A 99 17.79 -11.02 21.84
N VAL A 100 16.54 -10.58 21.72
CA VAL A 100 16.13 -10.01 20.44
C VAL A 100 16.77 -8.62 20.14
N VAL A 101 16.95 -7.78 21.17
CA VAL A 101 17.67 -6.54 21.00
C VAL A 101 19.11 -6.82 20.60
N LYS A 102 19.77 -7.78 21.25
CA LYS A 102 21.13 -8.12 20.82
C LYS A 102 21.21 -8.46 19.32
N LEU A 103 20.28 -9.28 18.87
CA LEU A 103 20.27 -9.68 17.46
C LEU A 103 19.95 -8.47 16.57
N GLY A 104 19.03 -7.60 17.03
CA GLY A 104 18.73 -6.37 16.28
C GLY A 104 19.93 -5.44 16.20
N ALA A 105 20.66 -5.28 17.31
CA ALA A 105 21.81 -4.40 17.28
C ALA A 105 22.85 -4.92 16.28
N ALA A 106 23.11 -6.23 16.30
CA ALA A 106 24.07 -6.84 15.33
C ALA A 106 23.68 -6.59 13.86
N SER A 107 22.36 -6.62 13.60
CA SER A 107 21.81 -6.32 12.25
C SER A 107 22.04 -4.90 11.75
N LEU A 108 22.40 -3.97 12.62
CA LEU A 108 22.75 -2.64 12.16
C LEU A 108 24.11 -2.66 11.46
N GLY A 109 24.91 -3.69 11.76
CA GLY A 109 26.22 -3.84 11.17
C GLY A 109 27.34 -3.24 11.99
N ALA A 110 28.50 -3.87 11.90
CA ALA A 110 29.69 -3.47 12.64
C ALA A 110 30.22 -2.07 12.30
N GLU A 111 29.70 -1.45 11.24
CA GLU A 111 30.15 -0.14 10.81
C GLU A 111 29.34 0.94 11.50
N ASP A 112 28.39 0.52 12.31
CA ASP A 112 27.54 1.43 13.03
C ASP A 112 27.64 1.15 14.52
N PRO A 113 28.88 1.09 15.08
CA PRO A 113 28.98 0.58 16.46
C PRO A 113 28.36 1.53 17.50
N GLU A 114 28.34 2.83 17.23
CA GLU A 114 27.83 3.79 18.20
C GLU A 114 26.34 3.56 18.46
N THR A 115 25.59 3.32 17.38
CA THR A 115 24.14 3.09 17.45
C THR A 115 23.89 1.72 18.05
N GLN A 116 24.74 0.75 17.71
CA GLN A 116 24.65 -0.58 18.31
C GLN A 116 24.72 -0.48 19.81
N VAL A 117 25.67 0.31 20.30
CA VAL A 117 25.86 0.45 21.73
C VAL A 117 24.68 1.22 22.33
N VAL A 118 24.18 2.24 21.65
CA VAL A 118 22.99 2.94 22.16
C VAL A 118 21.80 1.94 22.40
N LEU A 119 21.56 1.11 21.40
CA LEU A 119 20.45 0.17 21.43
C LEU A 119 20.62 -0.86 22.58
N ILE A 120 21.82 -1.45 22.70
CA ILE A 120 22.04 -2.46 23.74
C ILE A 120 21.94 -1.82 25.11
N ASN A 121 22.50 -0.63 25.23
CA ASN A 121 22.40 0.04 26.52
C ASN A 121 20.97 0.32 26.89
N ALA A 122 20.15 0.69 25.91
CA ALA A 122 18.72 0.96 26.23
C ALA A 122 18.04 -0.29 26.85
N VAL A 123 18.37 -1.50 26.34
CA VAL A 123 17.72 -2.69 26.90
C VAL A 123 18.39 -3.07 28.21
N LYS A 124 19.70 -2.84 28.32
CA LYS A 124 20.38 -2.99 29.60
C LYS A 124 19.69 -2.14 30.72
N ASP A 125 19.41 -0.88 30.40
CA ASP A 125 18.61 -0.02 31.27
C ASP A 125 17.26 -0.60 31.63
N VAL A 126 16.56 -1.20 30.65
CA VAL A 126 15.31 -1.92 30.99
C VAL A 126 15.60 -3.07 31.98
N ALA A 127 16.59 -3.94 31.67
CA ALA A 127 16.97 -5.02 32.60
C ALA A 127 17.20 -4.55 34.04
N LYS A 128 18.02 -3.51 34.19
CA LYS A 128 18.31 -2.94 35.52
C LYS A 128 17.01 -2.46 36.19
N ALA A 129 16.17 -1.73 35.45
CA ALA A 129 14.91 -1.27 36.02
C ALA A 129 14.01 -2.44 36.45
N LEU A 130 14.03 -3.56 35.71
CA LEU A 130 13.29 -4.75 36.14
C LEU A 130 13.84 -5.30 37.42
N GLY A 131 15.18 -5.37 37.51
CA GLY A 131 15.85 -5.80 38.75
C GLY A 131 15.34 -4.97 39.93
N ASP A 132 15.29 -3.65 39.77
CA ASP A 132 14.77 -2.78 40.81
C ASP A 132 13.33 -3.01 41.11
N LEU A 133 12.50 -3.17 40.08
CA LEU A 133 11.09 -3.45 40.25
C LEU A 133 10.84 -4.76 41.03
N ILE A 134 11.56 -5.83 40.67
CA ILE A 134 11.36 -7.09 41.37
C ILE A 134 11.82 -6.92 42.85
N SER A 135 12.89 -6.17 43.05
CA SER A 135 13.35 -5.81 44.39
C SER A 135 12.26 -5.03 45.19
N ALA A 136 11.60 -4.07 44.54
CA ALA A 136 10.52 -3.31 45.19
C ALA A 136 9.30 -4.18 45.47
N THR A 137 9.00 -5.13 44.59
CA THR A 137 7.87 -6.03 44.84
C THR A 137 8.18 -6.88 46.08
N LYS A 138 9.43 -7.37 46.17
CA LYS A 138 9.95 -8.08 47.36
C LYS A 138 9.75 -7.23 48.63
N ALA A 139 10.25 -5.99 48.58
CA ALA A 139 10.11 -5.05 49.71
C ALA A 139 8.65 -4.82 50.11
N ALA A 140 7.74 -4.86 49.13
CA ALA A 140 6.31 -4.66 49.39
C ALA A 140 5.50 -5.95 49.62
N ALA A 141 6.16 -7.12 49.55
CA ALA A 141 5.47 -8.39 49.71
C ALA A 141 4.62 -8.34 50.97
N GLY A 142 3.30 -8.28 50.76
CA GLY A 142 2.31 -8.25 51.84
C GLY A 142 2.34 -7.04 52.76
N LYS A 143 2.57 -5.86 52.20
CA LYS A 143 2.44 -4.63 52.94
C LYS A 143 1.07 -4.03 52.58
N VAL A 144 0.55 -3.17 53.46
CA VAL A 144 -0.84 -2.69 53.28
C VAL A 144 -0.83 -1.24 52.77
N GLY A 145 -1.81 -0.94 51.92
CA GLY A 145 -2.00 0.39 51.32
C GLY A 145 -1.10 1.51 51.80
N ASP A 146 -1.13 1.80 53.11
CA ASP A 146 -0.37 2.91 53.71
C ASP A 146 1.16 2.80 53.57
N ASP A 147 1.67 1.57 53.64
CA ASP A 147 3.13 1.29 53.70
C ASP A 147 3.94 2.01 52.61
N PRO A 148 5.06 2.70 53.01
CA PRO A 148 6.03 3.32 52.11
C PRO A 148 6.56 2.39 51.03
N ALA A 149 6.68 1.12 51.33
CA ALA A 149 7.02 0.10 50.34
C ALA A 149 5.99 -0.03 49.17
N VAL A 150 4.70 0.17 49.43
CA VAL A 150 3.69 0.14 48.34
C VAL A 150 3.83 1.35 47.39
N TRP A 151 4.05 2.53 47.97
CA TRP A 151 4.40 3.74 47.23
C TRP A 151 5.65 3.50 46.36
N GLN A 152 6.68 2.94 46.99
CA GLN A 152 7.98 2.68 46.34
C GLN A 152 7.81 1.69 45.17
N LEU A 153 6.95 0.69 45.35
CA LEU A 153 6.59 -0.24 44.27
C LEU A 153 5.92 0.50 43.10
N LYS A 154 4.94 1.36 43.39
CA LYS A 154 4.26 2.14 42.36
C LYS A 154 5.26 3.00 41.59
N ASN A 155 6.12 3.69 42.33
CA ASN A 155 7.17 4.49 41.72
C ASN A 155 8.17 3.67 40.87
N SER A 156 8.53 2.49 41.34
CA SER A 156 9.50 1.62 40.62
C SER A 156 8.87 1.15 39.28
N ALA A 157 7.58 0.88 39.32
CA ALA A 157 6.84 0.34 38.17
C ALA A 157 6.74 1.43 37.10
N LYS A 158 6.60 2.70 37.53
CA LYS A 158 6.61 3.82 36.64
C LYS A 158 7.99 4.02 36.04
N VAL A 159 9.04 3.89 36.84
CA VAL A 159 10.40 4.05 36.29
C VAL A 159 10.66 2.92 35.29
N MSE A 160 10.14 1.73 35.59
CA MSE A 160 10.21 0.57 34.67
C MSE A 160 9.64 0.99 33.32
O MSE A 160 10.28 0.82 32.28
CB MSE A 160 9.42 -0.62 35.20
CG MSE A 160 9.37 -1.77 34.23
SE MSE A 160 11.19 -2.49 33.84
CE MSE A 160 10.66 -3.93 32.63
N VAL A 161 8.43 1.53 33.33
CA VAL A 161 7.81 1.92 32.06
C VAL A 161 8.54 3.06 31.37
N THR A 162 9.10 4.01 32.11
CA THR A 162 9.93 5.06 31.53
C THR A 162 11.09 4.45 30.75
N ASN A 163 11.75 3.45 31.34
CA ASN A 163 12.83 2.76 30.62
C ASN A 163 12.34 2.00 29.36
N VAL A 164 11.27 1.25 29.49
CA VAL A 164 10.67 0.52 28.35
C VAL A 164 10.27 1.48 27.23
N THR A 165 9.57 2.56 27.57
CA THR A 165 9.17 3.49 26.51
C THR A 165 10.39 4.24 25.92
N SER A 166 11.42 4.49 26.73
CA SER A 166 12.65 5.07 26.24
C SER A 166 13.34 4.13 25.22
N LEU A 167 13.35 2.80 25.51
CA LEU A 167 13.83 1.77 24.54
C LEU A 167 13.04 1.91 23.23
N LEU A 168 11.71 2.00 23.34
CA LEU A 168 10.85 2.02 22.16
C LEU A 168 11.10 3.28 21.32
N LYS A 169 11.37 4.38 21.98
CA LYS A 169 11.73 5.65 21.34
C LYS A 169 13.11 5.54 20.63
N THR A 170 14.09 5.01 21.33
CA THR A 170 15.37 4.64 20.69
C THR A 170 15.16 3.72 19.45
N VAL A 171 14.33 2.69 19.57
CA VAL A 171 14.10 1.76 18.44
C VAL A 171 13.52 2.55 17.20
N LYS A 172 12.55 3.43 17.47
CA LYS A 172 12.02 4.32 16.42
C LYS A 172 13.09 5.19 15.79
N ALA A 173 14.00 5.76 16.60
CA ALA A 173 15.07 6.61 16.07
C ALA A 173 16.01 5.79 15.18
N VAL A 174 16.38 4.61 15.64
CA VAL A 174 17.18 3.65 14.86
C VAL A 174 16.53 3.37 13.49
N GLU A 175 15.28 2.89 13.50
CA GLU A 175 14.59 2.57 12.26
C GLU A 175 14.40 3.79 11.34
N ASP A 176 14.14 4.97 11.92
CA ASP A 176 13.99 6.20 11.12
C ASP A 176 15.31 6.53 10.43
N GLU A 177 16.41 6.45 11.18
CA GLU A 177 17.75 6.62 10.58
C GLU A 177 18.11 5.58 9.54
N ALA A 178 17.65 4.35 9.74
CA ALA A 178 17.89 3.25 8.81
C ALA A 178 17.08 3.32 7.50
N THR A 179 16.07 4.19 7.47
CA THR A 179 15.16 4.23 6.31
C THR A 179 14.98 5.61 5.73
N LYS A 180 15.78 6.56 6.20
CA LYS A 180 15.65 7.95 5.74
C LYS A 180 15.89 8.06 4.22
N GLY A 181 16.91 7.37 3.72
CA GLY A 181 17.16 7.31 2.28
C GLY A 181 16.13 6.48 1.54
N THR A 182 15.78 5.34 2.10
CA THR A 182 14.75 4.52 1.49
C THR A 182 13.48 5.33 1.27
N ARG A 183 13.11 6.15 2.27
CA ARG A 183 11.84 6.83 2.16
C ARG A 183 11.95 8.02 1.21
N ALA A 184 13.15 8.60 1.13
CA ALA A 184 13.47 9.62 0.14
C ALA A 184 13.44 9.03 -1.29
N LEU A 185 14.03 7.84 -1.45
CA LEU A 185 14.05 7.15 -2.75
C LEU A 185 12.65 6.77 -3.23
N GLU A 186 11.82 6.32 -2.31
CA GLU A 186 10.42 6.02 -2.61
C GLU A 186 9.68 7.30 -3.06
N ALA A 187 9.85 8.40 -2.36
CA ALA A 187 9.26 9.67 -2.79
C ALA A 187 9.71 10.05 -4.23
N THR A 188 10.97 9.75 -4.54
CA THR A 188 11.54 10.05 -5.85
C THR A 188 10.92 9.23 -6.96
N THR A 189 10.66 7.93 -6.71
CA THR A 189 10.06 7.10 -7.72
C THR A 189 8.66 7.64 -8.03
N GLU A 190 8.01 8.20 -7.00
CA GLU A 190 6.70 8.78 -7.26
C GLU A 190 6.82 10.08 -8.05
N HIS A 191 7.80 10.92 -7.72
CA HIS A 191 8.02 12.13 -8.49
C HIS A 191 8.30 11.79 -9.96
N ILE A 192 9.16 10.80 -10.21
CA ILE A 192 9.44 10.35 -11.59
C ILE A 192 8.18 9.90 -12.33
N ARG A 193 7.33 9.14 -11.65
CA ARG A 193 6.06 8.73 -12.24
C ARG A 193 5.20 9.93 -12.66
N GLN A 194 5.07 10.92 -11.80
CA GLN A 194 4.34 12.15 -12.13
C GLN A 194 4.99 12.82 -13.37
N GLU A 195 6.32 12.90 -13.42
CA GLU A 195 7.04 13.50 -14.56
C GLU A 195 6.72 12.75 -15.87
N LEU A 196 6.69 11.43 -15.78
CA LEU A 196 6.51 10.59 -16.93
C LEU A 196 5.06 10.63 -17.41
N ALA A 197 4.11 10.66 -16.47
CA ALA A 197 2.69 10.90 -16.82
C ALA A 197 2.54 12.21 -17.61
N VAL A 198 3.21 13.28 -17.18
CA VAL A 198 3.19 14.56 -17.90
C VAL A 198 3.83 14.43 -19.32
N PHE A 199 5.00 13.83 -19.35
CA PHE A 199 5.70 13.56 -20.59
C PHE A 199 4.79 12.84 -21.61
N CYS A 200 4.05 11.82 -21.15
CA CYS A 200 3.22 11.00 -22.03
C CYS A 200 1.87 11.65 -22.32
N SER A 201 1.51 12.69 -21.58
CA SER A 201 0.19 13.34 -21.75
C SER A 201 0.06 13.99 -23.16
N PRO A 202 -1.18 14.18 -23.65
CA PRO A 202 -1.34 14.79 -24.98
C PRO A 202 -1.04 16.31 -25.07
N GLU A 203 -0.80 16.96 -23.94
CA GLU A 203 -0.50 18.38 -23.95
C GLU A 203 0.91 18.65 -24.49
N PRO A 204 1.10 19.79 -25.19
CA PRO A 204 2.39 20.07 -25.80
C PRO A 204 3.40 20.47 -24.73
N PRO A 205 4.70 20.48 -25.06
CA PRO A 205 5.62 20.98 -24.05
C PRO A 205 5.52 22.51 -23.94
N ALA A 206 6.11 23.09 -22.89
CA ALA A 206 6.05 24.55 -22.64
C ALA A 206 6.71 25.37 -23.75
N LYS A 207 7.68 24.76 -24.40
CA LYS A 207 8.46 25.38 -25.45
C LYS A 207 9.07 24.25 -26.28
N THR A 208 9.80 24.62 -27.30
CA THR A 208 10.59 23.68 -28.04
C THR A 208 12.01 23.82 -27.47
N SER A 209 12.88 22.87 -27.78
CA SER A 209 14.28 23.06 -27.51
C SER A 209 15.11 22.35 -28.58
N THR A 210 16.43 22.44 -28.46
CA THR A 210 17.34 21.95 -29.49
C THR A 210 17.75 20.50 -29.24
N PRO A 211 18.17 19.76 -30.30
CA PRO A 211 18.76 18.44 -30.12
C PRO A 211 19.93 18.45 -29.16
N GLU A 212 20.69 19.56 -29.11
CA GLU A 212 21.87 19.62 -28.25
C GLU A 212 21.55 19.67 -26.76
N ASP A 213 20.50 20.41 -26.42
CA ASP A 213 20.00 20.45 -25.06
C ASP A 213 19.50 19.06 -24.64
N PHE A 214 18.75 18.43 -25.54
CA PHE A 214 18.23 17.09 -25.33
C PHE A 214 19.38 16.08 -25.08
N ILE A 215 20.42 16.12 -25.91
CA ILE A 215 21.58 15.25 -25.74
C ILE A 215 22.28 15.46 -24.37
N ARG A 216 22.47 16.72 -23.98
CA ARG A 216 23.16 17.03 -22.73
C ARG A 216 22.35 16.50 -21.53
N MSE A 217 21.04 16.74 -21.52
CA MSE A 217 20.15 16.20 -20.47
C MSE A 217 20.06 14.67 -20.49
O MSE A 217 20.04 14.02 -19.44
CB MSE A 217 18.75 16.80 -20.55
CG MSE A 217 18.65 18.30 -20.41
SE MSE A 217 19.63 18.99 -18.83
CE MSE A 217 21.33 19.43 -19.61
N THR A 218 20.03 14.08 -21.68
CA THR A 218 20.12 12.64 -21.79
C THR A 218 21.43 12.11 -21.16
N LYS A 219 22.54 12.77 -21.43
CA LYS A 219 23.81 12.33 -20.87
C LYS A 219 23.82 12.40 -19.33
N GLY A 220 23.01 13.29 -18.75
CA GLY A 220 22.85 13.37 -17.29
C GLY A 220 22.37 12.07 -16.66
N ILE A 221 21.56 11.30 -17.40
CA ILE A 221 21.08 9.99 -16.98
C ILE A 221 22.23 9.01 -16.68
N THR A 222 23.25 9.00 -17.53
CA THR A 222 24.43 8.18 -17.32
C THR A 222 25.01 8.41 -15.92
N MSE A 223 25.07 9.69 -15.51
CA MSE A 223 25.70 10.07 -14.26
C MSE A 223 24.84 9.64 -13.05
O MSE A 223 25.32 9.06 -12.11
CB MSE A 223 25.99 11.59 -14.19
CG MSE A 223 27.10 12.07 -15.14
SE MSE A 223 28.79 11.12 -14.90
CE MSE A 223 28.92 10.17 -16.59
N ALA A 224 23.56 9.96 -13.15
CA ALA A 224 22.58 9.60 -12.12
C ALA A 224 22.48 8.07 -11.94
N THR A 225 22.50 7.35 -13.06
CA THR A 225 22.54 5.89 -13.05
C THR A 225 23.75 5.38 -12.23
N ALA A 226 24.93 5.90 -12.55
CA ALA A 226 26.19 5.58 -11.82
C ALA A 226 26.04 5.85 -10.32
N LYS A 227 25.48 7.01 -9.97
CA LYS A 227 25.22 7.33 -8.60
C LYS A 227 24.29 6.31 -7.88
N ALA A 228 23.15 5.95 -8.50
CA ALA A 228 22.23 4.93 -7.99
C ALA A 228 22.90 3.55 -7.80
N VAL A 229 23.63 3.12 -8.82
CA VAL A 229 24.38 1.86 -8.71
C VAL A 229 25.33 1.92 -7.51
N ALA A 230 26.00 3.06 -7.32
CA ALA A 230 26.92 3.18 -6.19
C ALA A 230 26.19 3.11 -4.85
N ALA A 231 25.03 3.77 -4.78
CA ALA A 231 24.27 3.81 -3.55
C ALA A 231 23.75 2.42 -3.22
N GLY A 232 23.33 1.69 -4.25
CA GLY A 232 22.84 0.32 -4.04
C GLY A 232 23.98 -0.59 -3.54
N ASN A 233 25.20 -0.34 -3.98
CA ASN A 233 26.34 -1.11 -3.51
C ASN A 233 26.80 -0.69 -2.14
N SER A 234 26.72 0.60 -1.81
CA SER A 234 27.20 1.03 -0.50
C SER A 234 26.13 0.79 0.58
N CYS A 235 24.86 0.89 0.22
CA CYS A 235 23.75 0.86 1.17
C CYS A 235 23.81 1.96 2.25
N ARG A 236 24.52 3.04 1.93
CA ARG A 236 24.66 4.15 2.82
C ARG A 236 23.45 5.05 2.67
N GLN A 237 22.70 5.22 3.75
CA GLN A 237 21.44 5.93 3.63
C GLN A 237 21.66 7.37 3.13
N GLU A 238 22.80 7.99 3.45
CA GLU A 238 23.09 9.33 2.90
C GLU A 238 23.32 9.39 1.39
N ASP A 239 24.01 8.37 0.86
CA ASP A 239 24.13 8.17 -0.59
C ASP A 239 22.78 7.89 -1.25
N VAL A 240 21.89 7.17 -0.56
CA VAL A 240 20.53 6.94 -1.10
C VAL A 240 19.76 8.26 -1.18
N ILE A 241 19.91 9.10 -0.15
CA ILE A 241 19.31 10.45 -0.18
C ILE A 241 19.83 11.25 -1.40
N ALA A 242 21.13 11.25 -1.60
CA ALA A 242 21.77 12.00 -2.70
C ALA A 242 21.30 11.46 -4.05
N THR A 243 21.19 10.11 -4.13
CA THR A 243 20.60 9.39 -5.28
C THR A 243 19.15 9.86 -5.54
N ALA A 244 18.33 9.87 -4.51
CA ALA A 244 16.96 10.40 -4.64
C ALA A 244 16.93 11.79 -5.30
N ASN A 245 17.72 12.71 -4.76
CA ASN A 245 17.73 14.10 -5.26
C ASN A 245 18.22 14.20 -6.71
N LEU A 246 19.36 13.56 -7.01
CA LEU A 246 19.95 13.57 -8.34
C LEU A 246 19.01 12.91 -9.37
N SER A 247 18.47 11.72 -9.02
CA SER A 247 17.55 10.99 -9.88
C SER A 247 16.32 11.80 -10.27
N ARG A 248 15.74 12.49 -9.29
CA ARG A 248 14.55 13.25 -9.55
C ARG A 248 14.90 14.31 -10.61
N ARG A 249 15.99 15.03 -10.38
CA ARG A 249 16.41 16.11 -11.28
C ARG A 249 16.78 15.58 -12.66
N ALA A 250 17.59 14.53 -12.68
CA ALA A 250 18.11 14.01 -13.92
C ALA A 250 16.96 13.52 -14.83
N ILE A 251 16.02 12.79 -14.27
CA ILE A 251 14.91 12.27 -15.09
C ILE A 251 13.98 13.39 -15.56
N ALA A 252 13.66 14.31 -14.64
CA ALA A 252 12.82 15.48 -14.96
C ALA A 252 13.44 16.24 -16.13
N ASP A 253 14.74 16.46 -16.05
CA ASP A 253 15.47 17.22 -17.06
C ASP A 253 15.46 16.50 -18.41
N MSE A 254 15.78 15.20 -18.40
CA MSE A 254 15.76 14.39 -19.63
C MSE A 254 14.40 14.37 -20.27
O MSE A 254 14.34 14.64 -21.46
CB MSE A 254 16.24 12.95 -19.38
CG MSE A 254 16.34 12.09 -20.64
SE MSE A 254 14.65 11.27 -21.08
CE MSE A 254 14.56 10.12 -19.45
N LEU A 255 13.33 14.09 -19.51
CA LEU A 255 11.98 14.02 -20.07
C LEU A 255 11.53 15.36 -20.65
N ARG A 256 11.81 16.45 -19.91
CA ARG A 256 11.51 17.82 -20.38
C ARG A 256 12.20 18.11 -21.71
N ALA A 257 13.51 17.89 -21.79
CA ALA A 257 14.30 18.21 -22.97
C ALA A 257 13.89 17.30 -24.12
N CYS A 258 13.67 16.02 -23.83
CA CYS A 258 13.20 15.06 -24.82
C CYS A 258 11.95 15.56 -25.54
N LYS A 259 10.90 15.87 -24.77
CA LYS A 259 9.62 16.28 -25.34
C LYS A 259 9.74 17.65 -26.03
N GLU A 260 10.49 18.57 -25.43
CA GLU A 260 10.67 19.92 -26.02
C GLU A 260 11.43 19.85 -27.34
N ALA A 261 12.49 19.04 -27.37
CA ALA A 261 13.23 18.78 -28.60
C ALA A 261 12.41 18.02 -29.68
N ALA A 262 11.66 16.99 -29.26
CA ALA A 262 10.86 16.14 -30.15
C ALA A 262 9.68 16.89 -30.81
N PHE A 263 9.04 17.80 -30.06
CA PHE A 263 7.90 18.59 -30.55
C PHE A 263 8.22 19.80 -31.37
N HIS A 264 9.51 20.05 -31.54
CA HIS A 264 9.96 21.14 -32.36
C HIS A 264 9.54 20.93 -33.82
N PRO A 265 8.91 21.97 -34.42
CA PRO A 265 8.43 21.92 -35.80
C PRO A 265 9.36 21.30 -36.87
N GLU A 266 10.68 21.46 -36.74
CA GLU A 266 11.67 20.92 -37.69
C GLU A 266 11.99 19.42 -37.55
N VAL A 267 11.35 18.75 -36.58
CA VAL A 267 11.55 17.33 -36.34
C VAL A 267 10.45 16.56 -37.06
N ALA A 268 10.82 15.56 -37.85
CA ALA A 268 9.87 14.71 -38.61
C ALA A 268 9.11 13.81 -37.63
N PRO A 269 7.85 13.46 -37.97
CA PRO A 269 7.03 12.66 -37.05
C PRO A 269 7.67 11.32 -36.66
N ASP A 270 8.43 10.70 -37.55
CA ASP A 270 9.06 9.42 -37.18
C ASP A 270 10.20 9.62 -36.16
N VAL A 271 10.95 10.70 -36.30
CA VAL A 271 12.05 10.94 -35.36
C VAL A 271 11.51 11.34 -33.95
N ARG A 272 10.47 12.16 -33.96
CA ARG A 272 9.68 12.45 -32.76
C ARG A 272 9.11 11.18 -32.07
N LEU A 273 8.50 10.30 -32.85
CA LEU A 273 7.96 9.06 -32.35
C LEU A 273 9.05 8.29 -31.60
N ARG A 274 10.19 8.16 -32.25
CA ARG A 274 11.29 7.40 -31.68
C ARG A 274 11.78 8.03 -30.39
N ALA A 275 12.01 9.35 -30.39
CA ALA A 275 12.44 10.07 -29.19
C ALA A 275 11.46 9.92 -28.00
N LEU A 276 10.18 10.16 -28.23
CA LEU A 276 9.12 10.00 -27.21
C LEU A 276 9.06 8.58 -26.70
N HIS A 277 9.10 7.61 -27.63
CA HIS A 277 9.07 6.22 -27.23
C HIS A 277 10.23 5.90 -26.29
N TYR A 278 11.46 6.25 -26.67
CA TYR A 278 12.65 5.88 -25.88
C TYR A 278 12.86 6.75 -24.63
N GLY A 279 12.29 7.95 -24.61
CA GLY A 279 12.24 8.74 -23.37
C GLY A 279 11.48 7.94 -22.31
N ARG A 280 10.33 7.40 -22.69
CA ARG A 280 9.55 6.53 -21.77
C ARG A 280 10.32 5.27 -21.41
N GLU A 281 10.87 4.60 -22.41
CA GLU A 281 11.69 3.42 -22.19
C GLU A 281 12.77 3.73 -21.16
N CYS A 282 13.45 4.83 -21.38
CA CYS A 282 14.53 5.26 -20.47
C CYS A 282 14.02 5.51 -19.04
N ALA A 283 13.01 6.37 -18.85
CA ALA A 283 12.40 6.53 -17.54
C ALA A 283 11.93 5.21 -16.85
N ASN A 284 11.32 4.31 -17.62
CA ASN A 284 10.82 3.06 -17.02
C ASN A 284 12.00 2.19 -16.57
N GLY A 285 13.01 2.05 -17.42
CA GLY A 285 14.28 1.36 -17.11
C GLY A 285 14.91 1.92 -15.84
N TYR A 286 14.85 3.24 -15.68
CA TYR A 286 15.40 3.89 -14.52
C TYR A 286 14.60 3.60 -13.25
N LEU A 287 13.28 3.60 -13.38
CA LEU A 287 12.40 3.27 -12.26
C LEU A 287 12.65 1.83 -11.85
N GLU A 288 12.90 0.92 -12.81
CA GLU A 288 13.19 -0.48 -12.48
C GLU A 288 14.52 -0.63 -11.76
N LEU A 289 15.50 0.21 -12.12
CA LEU A 289 16.80 0.28 -11.39
C LEU A 289 16.59 0.77 -9.95
N LEU A 290 15.89 1.89 -9.78
CA LEU A 290 15.53 2.33 -8.45
C LEU A 290 14.73 1.33 -7.64
N ASP A 291 13.82 0.60 -8.27
CA ASP A 291 13.06 -0.40 -7.53
C ASP A 291 14.00 -1.54 -7.06
N HIS A 292 14.97 -1.86 -7.88
CA HIS A 292 15.99 -2.79 -7.44
C HIS A 292 16.89 -2.27 -6.32
N VAL A 293 17.23 -0.99 -6.36
CA VAL A 293 17.99 -0.41 -5.28
C VAL A 293 17.20 -0.57 -3.97
N LEU A 294 15.90 -0.28 -4.04
CA LEU A 294 15.07 -0.43 -2.85
C LEU A 294 15.01 -1.88 -2.30
N LEU A 295 14.91 -2.84 -3.20
CA LEU A 295 15.05 -4.28 -2.87
C LEU A 295 16.39 -4.64 -2.28
N THR A 296 17.46 -4.15 -2.89
CA THR A 296 18.82 -4.38 -2.39
C THR A 296 19.02 -3.82 -0.98
N LEU A 297 18.49 -2.61 -0.75
CA LEU A 297 18.60 -1.98 0.57
C LEU A 297 17.96 -2.85 1.65
N GLN A 298 16.96 -3.63 1.27
CA GLN A 298 16.25 -4.54 2.20
C GLN A 298 16.94 -5.88 2.42
N LYS A 299 17.75 -6.29 1.45
CA LYS A 299 18.56 -7.50 1.61
C LYS A 299 19.89 -7.31 0.92
N PRO A 300 20.79 -6.55 1.58
CA PRO A 300 22.03 -6.10 1.00
C PRO A 300 23.12 -7.16 0.84
N ASN A 301 22.86 -8.20 0.05
CA ASN A 301 23.90 -9.19 -0.25
C ASN A 301 24.65 -8.96 -1.58
N PRO A 302 25.78 -9.67 -1.81
CA PRO A 302 26.50 -9.52 -3.08
C PRO A 302 25.66 -9.79 -4.32
N ASP A 303 24.72 -10.71 -4.22
CA ASP A 303 23.84 -11.11 -5.30
C ASP A 303 22.96 -9.95 -5.83
N LEU A 304 22.04 -9.49 -4.97
CA LEU A 304 21.24 -8.31 -5.29
C LEU A 304 22.10 -7.16 -5.76
N LYS A 305 23.27 -6.94 -5.14
CA LYS A 305 24.12 -5.78 -5.53
C LYS A 305 24.68 -5.91 -6.95
N GLN A 306 25.19 -7.10 -7.27
CA GLN A 306 25.61 -7.45 -8.64
C GLN A 306 24.49 -7.21 -9.72
N GLN A 307 23.23 -7.51 -9.40
CA GLN A 307 22.10 -7.32 -10.34
C GLN A 307 21.88 -5.86 -10.73
N LEU A 308 22.45 -4.92 -9.93
CA LEU A 308 22.40 -3.46 -10.24
C LEU A 308 23.06 -3.14 -11.56
N THR A 309 24.16 -3.84 -11.88
CA THR A 309 24.82 -3.68 -13.15
C THR A 309 23.88 -3.92 -14.32
N GLY A 310 23.08 -4.99 -14.25
CA GLY A 310 22.20 -5.34 -15.35
C GLY A 310 21.18 -4.25 -15.58
N HIS A 311 20.63 -3.72 -14.50
CA HIS A 311 19.67 -2.64 -14.60
C HIS A 311 20.25 -1.39 -15.25
N SER A 312 21.48 -1.08 -14.86
CA SER A 312 22.20 0.06 -15.37
C SER A 312 22.45 -0.09 -16.88
N LYS A 313 22.81 -1.29 -17.30
CA LYS A 313 22.98 -1.53 -18.75
C LYS A 313 21.70 -1.33 -19.56
N ARG A 314 20.59 -1.79 -19.01
CA ARG A 314 19.29 -1.62 -19.67
C ARG A 314 18.92 -0.12 -19.81
N VAL A 315 19.18 0.67 -18.76
CA VAL A 315 19.03 2.15 -18.86
C VAL A 315 19.96 2.72 -19.92
N ALA A 316 21.22 2.34 -19.86
CA ALA A 316 22.23 2.76 -20.84
C ALA A 316 21.84 2.50 -22.30
N GLY A 317 21.27 1.31 -22.57
CA GLY A 317 20.69 0.99 -23.86
C GLY A 317 19.64 2.00 -24.33
N SER A 318 18.76 2.45 -23.45
CA SER A 318 17.85 3.51 -23.81
C SER A 318 18.55 4.84 -24.02
N VAL A 319 19.54 5.16 -23.19
CA VAL A 319 20.32 6.40 -23.37
C VAL A 319 20.93 6.48 -24.80
N THR A 320 21.51 5.37 -25.25
CA THR A 320 22.02 5.24 -26.62
C THR A 320 20.97 5.53 -27.68
N GLU A 321 19.82 4.92 -27.54
CA GLU A 321 18.68 5.20 -28.44
C GLU A 321 18.33 6.66 -28.41
N LEU A 322 18.29 7.25 -27.20
CA LEU A 322 17.90 8.65 -27.06
C LEU A 322 18.88 9.55 -27.76
N ILE A 323 20.15 9.25 -27.59
CA ILE A 323 21.19 10.06 -28.20
C ILE A 323 21.12 9.95 -29.73
N GLN A 324 20.92 8.74 -30.25
CA GLN A 324 20.78 8.59 -31.70
C GLN A 324 19.52 9.23 -32.24
N ALA A 325 18.46 9.24 -31.45
CA ALA A 325 17.23 9.92 -31.83
C ALA A 325 17.50 11.41 -31.93
N ALA A 326 18.25 11.94 -30.95
CA ALA A 326 18.65 13.36 -30.93
C ALA A 326 19.46 13.73 -32.16
N GLU A 327 20.47 12.92 -32.46
CA GLU A 327 21.32 13.10 -33.64
C GLU A 327 20.48 13.18 -34.93
N ALA A 328 19.47 12.30 -35.04
CA ALA A 328 18.57 12.28 -36.20
C ALA A 328 17.67 13.51 -36.32
N MSE A 329 17.61 14.34 -35.28
CA MSE A 329 16.77 15.53 -35.28
C MSE A 329 17.44 16.72 -35.98
O MSE A 329 16.75 17.68 -36.35
CB MSE A 329 16.44 15.96 -33.88
CG MSE A 329 15.53 15.03 -33.13
SE MSE A 329 15.15 15.88 -31.42
CE MSE A 329 14.12 14.41 -30.63
N LYS A 330 18.76 16.69 -36.09
CA LYS A 330 19.51 17.85 -36.59
C LYS A 330 19.99 17.69 -38.03
N THR B 14 5.97 6.31 -44.25
CA THR B 14 6.54 4.95 -44.44
C THR B 14 7.56 4.60 -43.35
N GLN B 15 8.58 5.45 -43.21
CA GLN B 15 9.52 5.32 -42.09
C GLN B 15 8.78 5.44 -40.75
N ALA B 16 7.83 6.36 -40.65
CA ALA B 16 7.00 6.47 -39.44
C ALA B 16 6.29 5.15 -39.15
N CYS B 17 5.74 4.49 -40.18
CA CYS B 17 5.07 3.21 -39.97
C CYS B 17 6.03 2.14 -39.46
N ILE B 18 7.24 2.13 -40.00
CA ILE B 18 8.30 1.23 -39.58
C ILE B 18 8.71 1.54 -38.14
N THR B 19 8.98 2.81 -37.86
CA THR B 19 9.32 3.23 -36.50
C THR B 19 8.19 2.87 -35.56
N ALA B 20 6.96 3.12 -35.99
CA ALA B 20 5.80 2.82 -35.15
C ALA B 20 5.71 1.31 -34.87
N ALA B 21 6.04 0.48 -35.86
CA ALA B 21 5.98 -0.97 -35.67
C ALA B 21 6.87 -1.43 -34.52
N SER B 22 8.08 -0.90 -34.51
CA SER B 22 9.08 -1.20 -33.47
C SER B 22 8.64 -0.68 -32.09
N ALA B 23 8.15 0.57 -32.04
CA ALA B 23 7.61 1.17 -30.82
C ALA B 23 6.47 0.30 -30.28
N VAL B 24 5.57 -0.13 -31.19
CA VAL B 24 4.42 -0.94 -30.78
C VAL B 24 4.85 -2.30 -30.25
N SER B 25 5.86 -2.91 -30.89
CA SER B 25 6.38 -4.16 -30.38
C SER B 25 7.03 -3.99 -28.97
N GLY B 26 7.67 -2.84 -28.75
CA GLY B 26 8.17 -2.46 -27.40
C GLY B 26 7.06 -2.26 -26.34
N ILE B 27 5.98 -1.61 -26.72
CA ILE B 27 4.84 -1.47 -25.83
C ILE B 27 4.31 -2.83 -25.43
N ILE B 28 4.22 -3.72 -26.43
CA ILE B 28 3.72 -5.06 -26.22
C ILE B 28 4.64 -5.85 -25.29
N ALA B 29 5.94 -5.70 -25.50
CA ALA B 29 6.89 -6.38 -24.63
C ALA B 29 6.78 -5.93 -23.19
N ASP B 30 6.55 -4.63 -22.99
CA ASP B 30 6.44 -4.07 -21.65
C ASP B 30 5.14 -4.58 -21.02
N LEU B 31 4.09 -4.70 -21.82
CA LEU B 31 2.85 -5.30 -21.29
C LEU B 31 3.06 -6.79 -20.91
N ASP B 32 3.81 -7.51 -21.70
CA ASP B 32 4.13 -8.93 -21.37
C ASP B 32 4.93 -9.02 -20.07
N THR B 33 5.78 -8.04 -19.80
CA THR B 33 6.52 -7.95 -18.52
C THR B 33 5.53 -7.77 -17.36
N THR B 34 4.60 -6.85 -17.54
CA THR B 34 3.56 -6.64 -16.54
C THR B 34 2.72 -7.88 -16.31
N ILE B 35 2.35 -8.60 -17.38
CA ILE B 35 1.61 -9.85 -17.24
C ILE B 35 2.34 -10.83 -16.29
N MSE B 36 3.66 -10.93 -16.43
CA MSE B 36 4.44 -11.81 -15.58
C MSE B 36 4.43 -11.33 -14.16
O MSE B 36 4.20 -12.15 -13.30
CB MSE B 36 5.82 -11.92 -16.15
CG MSE B 36 5.71 -12.23 -17.59
SE MSE B 36 6.30 -14.06 -17.86
CE MSE B 36 8.01 -13.37 -17.43
N PHE B 37 4.59 -10.04 -13.90
CA PHE B 37 4.42 -9.52 -12.54
C PHE B 37 3.04 -9.82 -11.94
N ALA B 38 2.00 -9.72 -12.76
CA ALA B 38 0.63 -10.02 -12.33
C ALA B 38 0.47 -11.50 -12.05
N THR B 39 0.89 -12.33 -13.01
CA THR B 39 0.76 -13.78 -12.90
C THR B 39 1.45 -14.31 -11.62
N ALA B 40 2.57 -13.70 -11.27
CA ALA B 40 3.39 -14.09 -10.12
C ALA B 40 2.75 -13.70 -8.78
N GLY B 41 1.69 -12.88 -8.84
CA GLY B 41 1.04 -12.38 -7.66
C GLY B 41 1.77 -11.20 -7.06
N THR B 42 2.51 -10.43 -7.88
CA THR B 42 3.31 -9.32 -7.37
C THR B 42 2.85 -7.92 -7.72
N LEU B 43 1.79 -7.80 -8.51
CA LEU B 43 1.49 -6.48 -9.05
C LEU B 43 0.53 -5.78 -8.08
N ASN B 44 1.04 -4.78 -7.35
CA ASN B 44 0.24 -4.12 -6.32
C ASN B 44 -0.19 -2.72 -6.76
N ARG B 45 -1.15 -2.13 -6.01
CA ARG B 45 -1.62 -0.78 -6.28
C ARG B 45 -0.50 0.27 -6.31
N GLU B 46 -0.61 1.16 -7.28
CA GLU B 46 0.32 2.26 -7.50
C GLU B 46 -0.46 3.57 -7.31
N GLY B 47 -0.29 4.21 -6.15
CA GLY B 47 -0.93 5.50 -5.88
C GLY B 47 -2.30 5.40 -5.26
N ALA B 48 -2.93 6.55 -5.07
CA ALA B 48 -4.22 6.63 -4.37
C ALA B 48 -5.43 6.33 -5.24
N GLU B 49 -5.24 6.33 -6.57
CA GLU B 49 -6.36 6.21 -7.53
C GLU B 49 -7.08 4.90 -7.41
N THR B 50 -8.40 4.98 -7.48
CA THR B 50 -9.24 3.79 -7.47
C THR B 50 -9.16 3.21 -8.87
N PHE B 51 -9.64 1.98 -9.02
CA PHE B 51 -9.88 1.45 -10.33
C PHE B 51 -10.81 2.39 -11.12
N ALA B 52 -11.87 2.90 -10.49
CA ALA B 52 -12.78 3.83 -11.14
C ALA B 52 -12.07 5.05 -11.76
N ASP B 53 -11.10 5.64 -11.05
CA ASP B 53 -10.27 6.74 -11.60
C ASP B 53 -9.59 6.30 -12.90
N HIS B 54 -9.04 5.08 -12.88
CA HIS B 54 -8.29 4.61 -14.02
C HIS B 54 -9.26 4.28 -15.16
N ARG B 55 -10.44 3.76 -14.82
CA ARG B 55 -11.52 3.51 -15.78
C ARG B 55 -11.84 4.78 -16.58
N GLU B 56 -11.91 5.92 -15.89
CA GLU B 56 -12.26 7.20 -16.55
C GLU B 56 -11.15 7.56 -17.56
N GLY B 57 -9.90 7.42 -17.15
CA GLY B 57 -8.74 7.58 -18.02
C GLY B 57 -8.67 6.62 -19.20
N ILE B 58 -8.99 5.35 -18.98
CA ILE B 58 -9.01 4.33 -20.02
C ILE B 58 -10.06 4.72 -21.05
N LEU B 59 -11.27 5.08 -20.60
CA LEU B 59 -12.37 5.45 -21.52
C LEU B 59 -12.05 6.69 -22.34
N LYS B 60 -11.53 7.72 -21.66
CA LYS B 60 -11.11 8.99 -22.27
C LYS B 60 -10.07 8.72 -23.34
N THR B 61 -9.05 7.96 -22.98
CA THR B 61 -7.94 7.70 -23.90
C THR B 61 -8.34 6.77 -25.03
N ALA B 62 -9.25 5.84 -24.72
CA ALA B 62 -9.83 4.96 -25.73
C ALA B 62 -10.55 5.77 -26.81
N LYS B 63 -11.31 6.79 -26.42
CA LYS B 63 -12.02 7.63 -27.41
C LYS B 63 -11.02 8.38 -28.31
N VAL B 64 -9.97 8.92 -27.70
CA VAL B 64 -8.89 9.54 -28.42
C VAL B 64 -8.26 8.54 -29.42
N LEU B 65 -8.07 7.29 -29.01
CA LEU B 65 -7.49 6.28 -29.90
C LEU B 65 -8.40 5.96 -31.12
N VAL B 66 -9.73 5.88 -30.91
CA VAL B 66 -10.72 5.73 -31.97
C VAL B 66 -10.65 6.90 -32.98
N GLU B 67 -10.49 8.11 -32.45
CA GLU B 67 -10.22 9.30 -33.26
C GLU B 67 -8.92 9.18 -34.08
N ASP B 68 -7.81 8.90 -33.40
CA ASP B 68 -6.53 8.52 -34.09
C ASP B 68 -6.66 7.42 -35.16
N THR B 69 -7.52 6.42 -34.91
CA THR B 69 -7.78 5.35 -35.87
C THR B 69 -8.35 5.93 -37.14
N LYS B 70 -9.40 6.76 -37.00
CA LYS B 70 -10.09 7.35 -38.12
C LYS B 70 -9.10 8.16 -38.96
N VAL B 71 -8.33 8.99 -38.28
CA VAL B 71 -7.35 9.87 -38.90
C VAL B 71 -6.31 9.07 -39.68
N LEU B 72 -5.84 7.95 -39.09
CA LEU B 72 -4.89 7.05 -39.77
C LEU B 72 -5.46 6.55 -41.08
N VAL B 73 -6.66 5.99 -41.00
CA VAL B 73 -7.33 5.43 -42.17
C VAL B 73 -7.46 6.53 -43.19
N GLN B 74 -7.96 7.69 -42.76
CA GLN B 74 -8.20 8.82 -43.69
C GLN B 74 -6.92 9.30 -44.37
N ASN B 75 -5.82 9.26 -43.64
CA ASN B 75 -4.54 9.76 -44.17
C ASN B 75 -3.73 8.75 -44.98
N ALA B 76 -4.17 7.50 -45.00
CA ALA B 76 -3.48 6.44 -45.75
C ALA B 76 -3.38 6.77 -47.26
N ALA B 77 -4.51 7.17 -47.84
CA ALA B 77 -4.51 7.81 -49.17
C ALA B 77 -4.42 9.34 -48.99
N GLY B 78 -3.21 9.83 -48.72
CA GLY B 78 -2.95 11.25 -48.40
C GLY B 78 -1.47 11.61 -48.30
N SER B 79 -1.17 12.79 -47.76
CA SER B 79 0.23 13.25 -47.58
C SER B 79 1.08 12.20 -46.86
N GLN B 80 2.25 11.92 -47.43
CA GLN B 80 3.29 11.11 -46.81
C GLN B 80 3.48 11.60 -45.37
N GLU B 81 3.29 12.89 -45.14
CA GLU B 81 3.61 13.51 -43.86
C GLU B 81 2.47 13.63 -42.85
N LYS B 82 1.24 13.81 -43.35
CA LYS B 82 0.09 13.76 -42.46
C LYS B 82 -0.19 12.32 -42.02
N LEU B 83 0.19 11.37 -42.87
CA LEU B 83 0.15 9.97 -42.45
C LEU B 83 1.18 9.69 -41.34
N ALA B 84 2.42 10.11 -41.57
CA ALA B 84 3.48 10.00 -40.56
C ALA B 84 3.04 10.57 -39.20
N GLN B 85 2.34 11.71 -39.25
CA GLN B 85 1.86 12.34 -38.03
C GLN B 85 0.75 11.51 -37.36
N ALA B 86 -0.19 11.01 -38.17
CA ALA B 86 -1.22 10.09 -37.67
C ALA B 86 -0.61 8.88 -36.96
N ALA B 87 0.43 8.27 -37.54
CA ALA B 87 1.17 7.18 -36.90
C ALA B 87 1.80 7.56 -35.55
N GLN B 88 2.60 8.63 -35.54
CA GLN B 88 3.19 9.14 -34.31
C GLN B 88 2.12 9.42 -33.23
N SER B 89 1.07 10.17 -33.61
CA SER B 89 -0.07 10.42 -32.70
C SER B 89 -0.73 9.14 -32.16
N SER B 90 -0.99 8.17 -33.04
CA SER B 90 -1.66 6.93 -32.60
C SER B 90 -0.82 6.15 -31.57
N VAL B 91 0.48 6.11 -31.78
CA VAL B 91 1.39 5.44 -30.84
C VAL B 91 1.47 6.18 -29.51
N ALA B 92 1.52 7.51 -29.52
CA ALA B 92 1.56 8.22 -28.26
C ALA B 92 0.25 7.90 -27.47
N THR B 93 -0.90 7.82 -28.17
CA THR B 93 -2.17 7.54 -27.51
C THR B 93 -2.21 6.12 -26.96
N ILE B 94 -1.74 5.14 -27.73
CA ILE B 94 -1.76 3.75 -27.27
C ILE B 94 -0.78 3.57 -26.11
N THR B 95 0.29 4.34 -26.14
CA THR B 95 1.27 4.33 -25.02
C THR B 95 0.53 4.77 -23.73
N ARG B 96 -0.22 5.88 -23.80
CA ARG B 96 -1.02 6.37 -22.66
C ARG B 96 -2.07 5.32 -22.27
N LEU B 97 -2.69 4.70 -23.27
CA LEU B 97 -3.66 3.64 -23.01
C LEU B 97 -3.04 2.47 -22.23
N ALA B 98 -1.91 1.95 -22.73
CA ALA B 98 -1.20 0.88 -22.08
C ALA B 98 -0.87 1.22 -20.64
N ASP B 99 -0.39 2.44 -20.44
CA ASP B 99 -0.02 2.88 -19.09
C ASP B 99 -1.17 3.02 -18.11
N VAL B 100 -2.28 3.63 -18.53
CA VAL B 100 -3.43 3.74 -17.64
C VAL B 100 -4.12 2.35 -17.40
N VAL B 101 -4.11 1.45 -18.41
CA VAL B 101 -4.60 0.08 -18.20
C VAL B 101 -3.71 -0.66 -17.19
N LYS B 102 -2.39 -0.60 -17.38
CA LYS B 102 -1.46 -1.12 -16.39
C LYS B 102 -1.82 -0.65 -14.98
N LEU B 103 -2.04 0.66 -14.83
CA LEU B 103 -2.37 1.26 -13.54
C LEU B 103 -3.70 0.72 -13.03
N GLY B 104 -4.69 0.61 -13.91
CA GLY B 104 -5.99 -0.03 -13.55
C GLY B 104 -5.83 -1.47 -13.05
N ALA B 105 -4.99 -2.28 -13.70
CA ALA B 105 -4.85 -3.67 -13.32
C ALA B 105 -4.14 -3.73 -11.97
N ALA B 106 -3.13 -2.87 -11.79
CA ALA B 106 -2.41 -2.79 -10.54
C ALA B 106 -3.37 -2.47 -9.38
N SER B 107 -4.31 -1.57 -9.66
CA SER B 107 -5.23 -1.02 -8.66
C SER B 107 -6.16 -2.09 -8.10
N LEU B 108 -6.33 -3.17 -8.86
CA LEU B 108 -7.10 -4.31 -8.41
C LEU B 108 -6.42 -5.07 -7.29
N GLY B 109 -5.09 -4.97 -7.19
CA GLY B 109 -4.36 -5.69 -6.15
C GLY B 109 -4.08 -7.11 -6.55
N ALA B 110 -3.07 -7.71 -5.93
CA ALA B 110 -2.51 -9.02 -6.31
C ALA B 110 -3.31 -10.26 -5.86
N GLU B 111 -4.39 -10.07 -5.11
CA GLU B 111 -5.28 -11.16 -4.71
C GLU B 111 -6.14 -11.71 -5.84
N ASP B 112 -6.35 -10.93 -6.89
CA ASP B 112 -6.96 -11.51 -8.07
C ASP B 112 -6.06 -11.32 -9.28
N PRO B 113 -4.98 -12.12 -9.36
CA PRO B 113 -4.02 -12.01 -10.45
C PRO B 113 -4.68 -12.32 -11.78
N GLU B 114 -5.62 -13.27 -11.80
CA GLU B 114 -6.26 -13.63 -13.04
C GLU B 114 -6.94 -12.47 -13.75
N THR B 115 -7.58 -11.61 -12.98
CA THR B 115 -8.34 -10.51 -13.54
C THR B 115 -7.37 -9.43 -14.00
N GLN B 116 -6.28 -9.27 -13.25
CA GLN B 116 -5.20 -8.38 -13.63
C GLN B 116 -4.68 -8.78 -15.00
N VAL B 117 -4.46 -10.09 -15.19
CA VAL B 117 -4.00 -10.65 -16.46
C VAL B 117 -5.01 -10.48 -17.63
N VAL B 118 -6.29 -10.69 -17.36
CA VAL B 118 -7.35 -10.38 -18.36
C VAL B 118 -7.27 -8.92 -18.82
N LEU B 119 -7.11 -8.01 -17.87
CA LEU B 119 -7.17 -6.60 -18.20
C LEU B 119 -5.95 -6.21 -19.03
N ILE B 120 -4.78 -6.69 -18.65
CA ILE B 120 -3.57 -6.33 -19.38
C ILE B 120 -3.59 -6.97 -20.77
N ASN B 121 -4.07 -8.20 -20.86
CA ASN B 121 -4.16 -8.83 -22.18
C ASN B 121 -5.14 -8.07 -23.09
N ALA B 122 -6.20 -7.51 -22.53
CA ALA B 122 -7.12 -6.69 -23.35
C ALA B 122 -6.43 -5.49 -23.99
N VAL B 123 -5.56 -4.78 -23.26
CA VAL B 123 -4.89 -3.63 -23.90
C VAL B 123 -3.74 -4.12 -24.80
N LYS B 124 -3.11 -5.21 -24.43
CA LYS B 124 -2.16 -5.83 -25.33
C LYS B 124 -2.83 -6.08 -26.71
N ASP B 125 -4.06 -6.57 -26.68
CA ASP B 125 -4.80 -6.89 -27.92
C ASP B 125 -5.00 -5.59 -28.73
N VAL B 126 -5.31 -4.48 -28.04
CA VAL B 126 -5.40 -3.18 -28.70
C VAL B 126 -4.08 -2.79 -29.35
N ALA B 127 -2.99 -2.92 -28.59
CA ALA B 127 -1.62 -2.65 -29.14
C ALA B 127 -1.34 -3.46 -30.38
N LYS B 128 -1.65 -4.75 -30.33
CA LYS B 128 -1.40 -5.64 -31.44
C LYS B 128 -2.29 -5.25 -32.62
N ALA B 129 -3.52 -4.85 -32.34
CA ALA B 129 -4.45 -4.40 -33.40
C ALA B 129 -3.91 -3.11 -34.00
N LEU B 130 -3.33 -2.23 -33.19
CA LEU B 130 -2.76 -1.00 -33.75
C LEU B 130 -1.54 -1.28 -34.62
N GLY B 131 -0.71 -2.21 -34.19
CA GLY B 131 0.45 -2.59 -35.03
C GLY B 131 -0.07 -3.00 -36.41
N ASP B 132 -1.09 -3.84 -36.42
CA ASP B 132 -1.69 -4.28 -37.68
C ASP B 132 -2.25 -3.12 -38.52
N LEU B 133 -2.96 -2.19 -37.88
CA LEU B 133 -3.56 -1.07 -38.60
C LEU B 133 -2.51 -0.19 -39.21
N ILE B 134 -1.43 0.06 -38.47
CA ILE B 134 -0.36 0.91 -38.99
C ILE B 134 0.34 0.18 -40.17
N SER B 135 0.56 -1.11 -40.01
CA SER B 135 1.04 -1.95 -41.10
C SER B 135 0.08 -1.88 -42.35
N ALA B 136 -1.23 -1.93 -42.14
CA ALA B 136 -2.20 -1.85 -43.24
C ALA B 136 -2.18 -0.46 -43.81
N THR B 137 -1.91 0.50 -42.95
CA THR B 137 -1.85 1.88 -43.39
C THR B 137 -0.63 2.08 -44.31
N LYS B 138 0.51 1.54 -43.90
CA LYS B 138 1.72 1.49 -44.75
C LYS B 138 1.46 0.84 -46.14
N ALA B 139 0.84 -0.34 -46.13
CA ALA B 139 0.50 -1.05 -47.38
C ALA B 139 -0.46 -0.27 -48.29
N ALA B 140 -1.35 0.52 -47.69
CA ALA B 140 -2.30 1.31 -48.47
C ALA B 140 -1.82 2.69 -48.93
N ALA B 141 -0.63 3.11 -48.47
CA ALA B 141 -0.06 4.41 -48.84
C ALA B 141 0.06 4.50 -50.36
N GLY B 142 -0.66 5.46 -50.94
CA GLY B 142 -0.68 5.64 -52.38
C GLY B 142 -1.77 4.87 -53.12
N LYS B 143 -2.33 3.83 -52.50
CA LYS B 143 -3.31 2.98 -53.18
C LYS B 143 -4.73 3.55 -53.26
N VAL B 144 -5.39 3.27 -54.38
CA VAL B 144 -6.74 3.76 -54.65
C VAL B 144 -7.54 2.66 -55.34
N GLY B 145 -8.84 2.90 -55.52
CA GLY B 145 -9.69 2.05 -56.38
C GLY B 145 -10.08 0.70 -55.79
N ASP B 146 -9.84 -0.38 -56.53
CA ASP B 146 -10.03 -1.69 -55.93
C ASP B 146 -8.70 -2.41 -55.69
N ASP B 147 -7.66 -1.62 -55.35
CA ASP B 147 -6.41 -2.16 -54.83
C ASP B 147 -6.78 -2.85 -53.53
N PRO B 148 -6.34 -4.11 -53.36
CA PRO B 148 -6.79 -4.83 -52.18
C PRO B 148 -6.37 -4.16 -50.87
N ALA B 149 -5.33 -3.32 -50.92
CA ALA B 149 -4.85 -2.62 -49.71
C ALA B 149 -5.91 -1.70 -49.12
N VAL B 150 -6.80 -1.19 -49.98
CA VAL B 150 -7.85 -0.25 -49.57
C VAL B 150 -8.90 -0.94 -48.70
N TRP B 151 -9.38 -2.11 -49.14
CA TRP B 151 -10.33 -2.83 -48.30
C TRP B 151 -9.63 -3.56 -47.14
N GLN B 152 -8.39 -3.99 -47.33
CA GLN B 152 -7.64 -4.57 -46.22
C GLN B 152 -7.52 -3.54 -45.06
N LEU B 153 -7.30 -2.28 -45.42
CA LEU B 153 -7.21 -1.19 -44.43
C LEU B 153 -8.55 -1.03 -43.72
N LYS B 154 -9.64 -1.01 -44.47
CA LYS B 154 -10.96 -0.92 -43.84
C LYS B 154 -11.21 -2.07 -42.90
N ASN B 155 -10.77 -3.26 -43.29
CA ASN B 155 -10.91 -4.41 -42.41
C ASN B 155 -10.11 -4.25 -41.12
N SER B 156 -8.87 -3.79 -41.27
CA SER B 156 -7.97 -3.64 -40.12
C SER B 156 -8.54 -2.61 -39.14
N ALA B 157 -9.20 -1.61 -39.71
CA ALA B 157 -9.85 -0.53 -38.94
C ALA B 157 -10.97 -1.10 -38.13
N LYS B 158 -11.77 -1.98 -38.74
CA LYS B 158 -12.88 -2.57 -38.02
C LYS B 158 -12.35 -3.44 -36.87
N VAL B 159 -11.30 -4.21 -37.14
CA VAL B 159 -10.67 -5.05 -36.11
C VAL B 159 -10.10 -4.15 -35.00
N MSE B 160 -9.48 -3.03 -35.36
CA MSE B 160 -8.92 -2.06 -34.38
C MSE B 160 -10.02 -1.58 -33.40
O MSE B 160 -9.90 -1.73 -32.16
CB MSE B 160 -8.22 -0.89 -35.09
CG MSE B 160 -7.80 0.33 -34.19
SE MSE B 160 -6.35 -0.39 -33.02
CE MSE B 160 -5.96 1.20 -31.93
N VAL B 161 -11.12 -1.05 -33.95
CA VAL B 161 -12.19 -0.57 -33.10
C VAL B 161 -12.82 -1.68 -32.29
N THR B 162 -13.00 -2.88 -32.86
CA THR B 162 -13.55 -3.97 -32.12
C THR B 162 -12.72 -4.29 -30.88
N ASN B 163 -11.38 -4.28 -31.06
CA ASN B 163 -10.45 -4.56 -29.94
C ASN B 163 -10.55 -3.43 -28.88
N VAL B 164 -10.78 -2.22 -29.32
CA VAL B 164 -10.99 -1.13 -28.37
C VAL B 164 -12.29 -1.35 -27.59
N THR B 165 -13.38 -1.67 -28.28
CA THR B 165 -14.66 -1.91 -27.62
C THR B 165 -14.60 -3.13 -26.72
N SER B 166 -13.84 -4.14 -27.14
CA SER B 166 -13.60 -5.28 -26.28
C SER B 166 -12.91 -4.90 -25.00
N LEU B 167 -11.87 -4.05 -25.10
CA LEU B 167 -11.21 -3.51 -23.92
C LEU B 167 -12.24 -2.83 -23.00
N LEU B 168 -13.11 -2.00 -23.57
CA LEU B 168 -14.10 -1.32 -22.73
C LEU B 168 -15.10 -2.27 -22.09
N LYS B 169 -15.50 -3.32 -22.78
CA LYS B 169 -16.40 -4.30 -22.22
C LYS B 169 -15.69 -4.99 -21.08
N THR B 170 -14.40 -5.25 -21.29
CA THR B 170 -13.61 -5.93 -20.28
C THR B 170 -13.47 -5.07 -19.05
N VAL B 171 -13.18 -3.79 -19.25
CA VAL B 171 -13.07 -2.85 -18.12
C VAL B 171 -14.40 -2.82 -17.32
N LYS B 172 -15.52 -2.79 -18.03
CA LYS B 172 -16.85 -2.82 -17.35
C LYS B 172 -17.05 -4.08 -16.51
N ALA B 173 -16.83 -5.28 -17.10
CA ALA B 173 -16.95 -6.56 -16.44
C ALA B 173 -16.03 -6.61 -15.23
N VAL B 174 -14.82 -6.12 -15.40
CA VAL B 174 -13.84 -6.13 -14.28
C VAL B 174 -14.25 -5.21 -13.12
N GLU B 175 -14.67 -4.00 -13.44
CA GLU B 175 -15.12 -3.09 -12.41
C GLU B 175 -16.41 -3.58 -11.73
N ASP B 176 -17.34 -4.17 -12.50
CA ASP B 176 -18.61 -4.66 -11.92
C ASP B 176 -18.24 -5.76 -10.93
N GLU B 177 -17.40 -6.70 -11.36
CA GLU B 177 -17.00 -7.78 -10.48
C GLU B 177 -16.18 -7.35 -9.25
N ALA B 178 -15.25 -6.42 -9.46
CA ALA B 178 -14.39 -5.92 -8.38
C ALA B 178 -15.12 -5.01 -7.38
N THR B 179 -16.33 -4.59 -7.72
CA THR B 179 -17.11 -3.75 -6.81
C THR B 179 -18.50 -4.28 -6.40
N LYS B 180 -18.81 -5.53 -6.73
CA LYS B 180 -20.14 -6.09 -6.39
C LYS B 180 -20.47 -6.07 -4.88
N GLY B 181 -19.46 -6.37 -4.06
CA GLY B 181 -19.57 -6.27 -2.60
C GLY B 181 -19.64 -4.82 -2.09
N THR B 182 -18.81 -3.91 -2.62
CA THR B 182 -18.89 -2.50 -2.24
C THR B 182 -20.25 -1.94 -2.54
N ARG B 183 -20.76 -2.26 -3.72
CA ARG B 183 -22.07 -1.80 -4.13
C ARG B 183 -23.19 -2.42 -3.27
N ALA B 184 -22.95 -3.65 -2.84
CA ALA B 184 -23.90 -4.38 -2.00
C ALA B 184 -23.95 -3.70 -0.65
N LEU B 185 -22.76 -3.42 -0.12
CA LEU B 185 -22.58 -2.73 1.15
C LEU B 185 -23.18 -1.32 1.18
N GLU B 186 -22.98 -0.54 0.12
CA GLU B 186 -23.63 0.75 -0.01
C GLU B 186 -25.14 0.57 -0.06
N ALA B 187 -25.62 -0.47 -0.73
CA ALA B 187 -27.05 -0.74 -0.80
C ALA B 187 -27.61 -1.04 0.60
N THR B 188 -26.87 -1.84 1.38
CA THR B 188 -27.25 -2.17 2.75
C THR B 188 -27.28 -0.94 3.68
N THR B 189 -26.34 -0.01 3.53
CA THR B 189 -26.33 1.18 4.38
C THR B 189 -27.57 2.01 4.07
N GLU B 190 -28.02 2.01 2.82
CA GLU B 190 -29.24 2.75 2.49
C GLU B 190 -30.45 2.06 3.08
N HIS B 191 -30.47 0.72 3.01
CA HIS B 191 -31.59 -0.03 3.59
C HIS B 191 -31.67 0.27 5.08
N ILE B 192 -30.52 0.23 5.77
CA ILE B 192 -30.48 0.46 7.21
C ILE B 192 -31.00 1.84 7.53
N ARG B 193 -30.57 2.81 6.74
CA ARG B 193 -31.08 4.18 6.83
C ARG B 193 -32.62 4.26 6.69
N GLN B 194 -33.22 3.48 5.77
CA GLN B 194 -34.68 3.48 5.61
C GLN B 194 -35.36 2.74 6.78
N GLU B 195 -34.74 1.66 7.28
CA GLU B 195 -35.29 0.92 8.43
C GLU B 195 -35.27 1.80 9.65
N LEU B 196 -34.22 2.61 9.73
CA LEU B 196 -34.06 3.51 10.87
C LEU B 196 -35.10 4.63 10.80
N ALA B 197 -35.38 5.10 9.57
CA ALA B 197 -36.43 6.11 9.36
C ALA B 197 -37.78 5.60 9.84
N VAL B 198 -38.09 4.34 9.52
CA VAL B 198 -39.34 3.72 9.92
C VAL B 198 -39.40 3.53 11.45
N PHE B 199 -38.32 3.00 11.99
CA PHE B 199 -38.15 2.85 13.44
C PHE B 199 -38.45 4.18 14.15
N CYS B 200 -37.84 5.27 13.67
CA CYS B 200 -38.02 6.60 14.26
C CYS B 200 -39.35 7.28 13.91
N SER B 201 -40.12 6.67 13.01
CA SER B 201 -41.35 7.31 12.53
C SER B 201 -42.45 7.31 13.59
N PRO B 202 -43.46 8.20 13.42
CA PRO B 202 -44.57 8.20 14.39
C PRO B 202 -45.51 6.99 14.25
N GLU B 203 -45.30 6.19 13.20
CA GLU B 203 -46.03 4.92 13.01
C GLU B 203 -45.75 3.94 14.16
N PRO B 204 -46.82 3.35 14.75
CA PRO B 204 -46.68 2.28 15.74
C PRO B 204 -46.07 1.03 15.09
N PRO B 205 -45.44 0.13 15.88
CA PRO B 205 -44.92 -1.10 15.23
C PRO B 205 -46.08 -2.00 14.78
N ALA B 206 -45.80 -3.03 13.96
CA ALA B 206 -46.83 -3.96 13.46
C ALA B 206 -47.53 -4.73 14.58
N LYS B 207 -46.74 -5.18 15.54
CA LYS B 207 -47.25 -5.93 16.67
C LYS B 207 -46.44 -5.57 17.91
N THR B 208 -46.76 -6.20 19.03
CA THR B 208 -45.88 -6.17 20.18
C THR B 208 -44.95 -7.37 20.09
N SER B 209 -43.96 -7.38 20.98
CA SER B 209 -42.97 -8.43 21.03
C SER B 209 -42.52 -8.50 22.47
N THR B 210 -41.78 -9.55 22.81
CA THR B 210 -41.31 -9.81 24.16
C THR B 210 -39.88 -9.30 24.37
N PRO B 211 -39.49 -8.97 25.63
CA PRO B 211 -38.08 -8.69 25.91
C PRO B 211 -37.10 -9.73 25.38
N GLU B 212 -37.47 -11.00 25.47
CA GLU B 212 -36.62 -12.11 24.97
C GLU B 212 -36.40 -12.11 23.46
N ASP B 213 -37.46 -11.82 22.71
CA ASP B 213 -37.32 -11.60 21.26
C ASP B 213 -36.34 -10.44 20.92
N PHE B 214 -36.60 -9.30 21.52
CA PHE B 214 -35.69 -8.14 21.50
C PHE B 214 -34.26 -8.54 21.86
N ILE B 215 -34.06 -9.18 23.02
CA ILE B 215 -32.69 -9.55 23.43
C ILE B 215 -32.03 -10.45 22.38
N ARG B 216 -32.78 -11.39 21.82
CA ARG B 216 -32.18 -12.35 20.88
C ARG B 216 -31.73 -11.63 19.62
N MSE B 217 -32.62 -10.78 19.09
CA MSE B 217 -32.26 -9.93 17.97
C MSE B 217 -31.07 -9.00 18.27
O MSE B 217 -30.21 -8.82 17.41
CB MSE B 217 -33.46 -9.18 17.45
CG MSE B 217 -34.62 -10.04 17.06
SE MSE B 217 -34.18 -11.47 15.78
CE MSE B 217 -35.84 -11.24 14.81
N THR B 218 -31.01 -8.45 19.48
CA THR B 218 -29.93 -7.54 19.83
C THR B 218 -28.57 -8.28 19.77
N LYS B 219 -28.51 -9.48 20.33
CA LYS B 219 -27.29 -10.27 20.26
C LYS B 219 -26.89 -10.62 18.81
N GLY B 220 -27.84 -10.71 17.90
CA GLY B 220 -27.49 -10.82 16.46
C GLY B 220 -26.57 -9.74 15.92
N ILE B 221 -26.57 -8.56 16.54
CA ILE B 221 -25.70 -7.46 16.14
C ILE B 221 -24.24 -7.79 16.49
N THR B 222 -24.02 -8.47 17.59
CA THR B 222 -22.68 -8.88 17.96
C THR B 222 -22.03 -9.72 16.83
N MSE B 223 -22.80 -10.65 16.27
CA MSE B 223 -22.39 -11.54 15.20
C MSE B 223 -22.11 -10.79 13.90
O MSE B 223 -21.09 -11.00 13.23
CB MSE B 223 -23.45 -12.64 14.97
CG MSE B 223 -23.57 -13.71 16.06
SE MSE B 223 -21.80 -14.40 16.68
CE MSE B 223 -21.77 -13.60 18.48
N ALA B 224 -23.04 -9.91 13.52
CA ALA B 224 -22.89 -9.09 12.33
C ALA B 224 -21.66 -8.16 12.43
N THR B 225 -21.44 -7.54 13.59
CA THR B 225 -20.28 -6.71 13.86
C THR B 225 -18.97 -7.47 13.59
N ALA B 226 -18.89 -8.69 14.12
CA ALA B 226 -17.71 -9.55 13.94
C ALA B 226 -17.45 -9.81 12.45
N LYS B 227 -18.54 -10.05 11.72
CA LYS B 227 -18.50 -10.37 10.30
C LYS B 227 -18.00 -9.14 9.50
N ALA B 228 -18.57 -7.96 9.79
CA ALA B 228 -18.10 -6.69 9.22
C ALA B 228 -16.62 -6.42 9.54
N VAL B 229 -16.20 -6.64 10.78
CA VAL B 229 -14.81 -6.39 11.15
C VAL B 229 -13.90 -7.35 10.33
N ALA B 230 -14.36 -8.58 10.16
CA ALA B 230 -13.63 -9.55 9.34
C ALA B 230 -13.54 -9.13 7.85
N ALA B 231 -14.65 -8.66 7.28
CA ALA B 231 -14.69 -8.22 5.90
C ALA B 231 -13.82 -7.01 5.64
N GLY B 232 -13.55 -6.24 6.70
CA GLY B 232 -12.75 -5.04 6.61
C GLY B 232 -11.28 -5.41 6.62
N ASN B 233 -10.94 -6.38 7.48
CA ASN B 233 -9.59 -6.91 7.53
C ASN B 233 -9.19 -7.68 6.29
N SER B 234 -10.14 -8.27 5.59
CA SER B 234 -9.78 -9.13 4.47
C SER B 234 -9.91 -8.41 3.13
N CYS B 235 -10.86 -7.48 3.03
CA CYS B 235 -11.14 -6.75 1.81
C CYS B 235 -11.58 -7.64 0.62
N ARG B 236 -12.04 -8.85 0.92
CA ARG B 236 -12.54 -9.78 -0.10
C ARG B 236 -13.97 -9.49 -0.43
N GLN B 237 -14.27 -9.25 -1.70
CA GLN B 237 -15.62 -8.86 -2.12
C GLN B 237 -16.73 -9.87 -1.77
N GLU B 238 -16.41 -11.17 -1.68
CA GLU B 238 -17.41 -12.15 -1.17
C GLU B 238 -17.66 -12.06 0.34
N ASP B 239 -16.62 -11.86 1.14
CA ASP B 239 -16.82 -11.49 2.55
C ASP B 239 -17.68 -10.21 2.67
N VAL B 240 -17.52 -9.27 1.74
CA VAL B 240 -18.25 -8.00 1.79
C VAL B 240 -19.68 -8.18 1.36
N ILE B 241 -19.95 -9.04 0.37
CA ILE B 241 -21.34 -9.32 -0.01
C ILE B 241 -22.05 -10.00 1.17
N ALA B 242 -21.31 -10.84 1.90
CA ALA B 242 -21.90 -11.65 2.97
C ALA B 242 -22.22 -10.73 4.14
N THR B 243 -21.31 -9.78 4.39
CA THR B 243 -21.48 -8.70 5.40
C THR B 243 -22.70 -7.87 5.08
N ALA B 244 -22.85 -7.46 3.82
CA ALA B 244 -24.00 -6.67 3.38
C ALA B 244 -25.31 -7.38 3.65
N ASN B 245 -25.39 -8.66 3.27
CA ASN B 245 -26.63 -9.40 3.45
C ASN B 245 -26.96 -9.61 4.93
N LEU B 246 -25.97 -10.05 5.70
CA LEU B 246 -26.14 -10.32 7.12
C LEU B 246 -26.45 -9.03 7.89
N SER B 247 -25.84 -7.93 7.44
CA SER B 247 -25.96 -6.64 8.13
C SER B 247 -27.36 -6.08 7.99
N ARG B 248 -27.92 -6.16 6.78
CA ARG B 248 -29.25 -5.65 6.50
C ARG B 248 -30.30 -6.40 7.35
N ARG B 249 -30.17 -7.74 7.41
CA ARG B 249 -31.06 -8.56 8.21
C ARG B 249 -30.89 -8.34 9.71
N ALA B 250 -29.65 -8.33 10.18
CA ALA B 250 -29.35 -8.17 11.61
C ALA B 250 -29.87 -6.85 12.13
N ILE B 251 -29.67 -5.77 11.39
CA ILE B 251 -30.10 -4.44 11.84
C ILE B 251 -31.62 -4.28 11.73
N ALA B 252 -32.21 -4.73 10.62
CA ALA B 252 -33.66 -4.69 10.48
C ALA B 252 -34.34 -5.48 11.61
N ASP B 253 -33.80 -6.67 11.89
CA ASP B 253 -34.33 -7.54 12.96
C ASP B 253 -34.25 -6.85 14.33
N MSE B 254 -33.10 -6.26 14.65
CA MSE B 254 -32.91 -5.61 15.93
C MSE B 254 -33.84 -4.42 16.06
O MSE B 254 -34.45 -4.24 17.11
CB MSE B 254 -31.47 -5.17 16.13
CG MSE B 254 -31.19 -4.49 17.50
SE MSE B 254 -31.68 -2.59 17.46
CE MSE B 254 -30.16 -1.93 16.32
N LEU B 255 -33.96 -3.62 15.00
CA LEU B 255 -34.78 -2.42 15.04
C LEU B 255 -36.26 -2.77 15.19
N ARG B 256 -36.71 -3.79 14.46
CA ARG B 256 -38.14 -4.17 14.51
C ARG B 256 -38.47 -4.71 15.88
N ALA B 257 -37.66 -5.65 16.36
CA ALA B 257 -37.85 -6.25 17.69
C ALA B 257 -37.73 -5.23 18.81
N CYS B 258 -36.75 -4.33 18.72
CA CYS B 258 -36.66 -3.18 19.64
C CYS B 258 -37.97 -2.38 19.72
N LYS B 259 -38.48 -1.87 18.61
CA LYS B 259 -39.73 -1.09 18.65
C LYS B 259 -40.94 -1.90 19.11
N GLU B 260 -41.12 -3.09 18.52
CA GLU B 260 -42.19 -4.01 18.90
C GLU B 260 -42.17 -4.25 20.40
N ALA B 261 -40.99 -4.52 20.96
CA ALA B 261 -40.88 -4.78 22.39
C ALA B 261 -41.05 -3.53 23.28
N ALA B 262 -40.49 -2.41 22.84
CA ALA B 262 -40.60 -1.15 23.55
C ALA B 262 -42.04 -0.64 23.61
N PHE B 263 -42.79 -0.84 22.53
CA PHE B 263 -44.18 -0.32 22.45
C PHE B 263 -45.24 -1.18 23.14
N HIS B 264 -44.81 -2.30 23.67
CA HIS B 264 -45.69 -3.12 24.46
C HIS B 264 -46.25 -2.31 25.64
N PRO B 265 -47.60 -2.26 25.78
CA PRO B 265 -48.20 -1.57 26.94
C PRO B 265 -47.71 -2.01 28.33
N GLU B 266 -47.09 -3.18 28.43
CA GLU B 266 -46.43 -3.62 29.68
C GLU B 266 -45.15 -2.83 30.03
N VAL B 267 -44.55 -2.23 29.02
CA VAL B 267 -43.31 -1.48 29.18
C VAL B 267 -43.63 -0.04 29.56
N ALA B 268 -43.02 0.40 30.67
CA ALA B 268 -43.09 1.77 31.15
C ALA B 268 -42.48 2.76 30.13
N PRO B 269 -43.07 3.95 30.00
CA PRO B 269 -42.59 4.91 29.02
C PRO B 269 -41.12 5.34 29.17
N ASP B 270 -40.59 5.35 30.38
CA ASP B 270 -39.17 5.66 30.55
C ASP B 270 -38.27 4.54 30.02
N VAL B 271 -38.70 3.29 30.18
CA VAL B 271 -37.97 2.13 29.65
C VAL B 271 -38.04 2.08 28.10
N ARG B 272 -39.24 2.32 27.58
CA ARG B 272 -39.45 2.57 26.14
C ARG B 272 -38.55 3.67 25.58
N LEU B 273 -38.49 4.81 26.27
CA LEU B 273 -37.62 5.89 25.87
C LEU B 273 -36.17 5.38 25.67
N ARG B 274 -35.65 4.70 26.69
CA ARG B 274 -34.30 4.21 26.72
C ARG B 274 -34.02 3.24 25.56
N ALA B 275 -34.94 2.33 25.32
CA ALA B 275 -34.76 1.28 24.33
C ALA B 275 -34.76 1.93 22.93
N LEU B 276 -35.69 2.84 22.70
CA LEU B 276 -35.77 3.50 21.38
C LEU B 276 -34.52 4.35 21.11
N HIS B 277 -34.08 5.09 22.13
CA HIS B 277 -32.85 5.87 22.02
C HIS B 277 -31.63 5.00 21.74
N TYR B 278 -31.44 3.92 22.49
CA TYR B 278 -30.27 3.08 22.21
C TYR B 278 -30.38 2.21 20.96
N GLY B 279 -31.62 1.97 20.51
CA GLY B 279 -31.87 1.28 19.24
C GLY B 279 -31.26 2.11 18.12
N ARG B 280 -31.56 3.41 18.17
CA ARG B 280 -31.03 4.36 17.21
C ARG B 280 -29.52 4.48 17.37
N GLU B 281 -29.06 4.56 18.60
CA GLU B 281 -27.62 4.65 18.85
C GLU B 281 -26.92 3.46 18.22
N CYS B 282 -27.46 2.25 18.45
CA CYS B 282 -26.84 1.02 17.96
C CYS B 282 -26.77 1.01 16.44
N ALA B 283 -27.88 1.36 15.82
CA ALA B 283 -27.95 1.47 14.39
C ALA B 283 -26.92 2.47 13.84
N ASN B 284 -26.89 3.68 14.42
CA ASN B 284 -25.94 4.71 13.96
C ASN B 284 -24.50 4.26 14.14
N GLY B 285 -24.19 3.69 15.30
CA GLY B 285 -22.82 3.12 15.52
C GLY B 285 -22.50 2.06 14.48
N TYR B 286 -23.50 1.25 14.15
CA TYR B 286 -23.33 0.24 13.12
C TYR B 286 -23.09 0.84 11.73
N LEU B 287 -23.92 1.81 11.32
CA LEU B 287 -23.64 2.58 10.10
C LEU B 287 -22.23 3.14 10.10
N GLU B 288 -21.79 3.72 11.21
CA GLU B 288 -20.42 4.27 11.26
C GLU B 288 -19.37 3.16 11.04
N LEU B 289 -19.60 1.98 11.62
CA LEU B 289 -18.73 0.83 11.32
C LEU B 289 -18.71 0.49 9.82
N LEU B 290 -19.89 0.36 9.20
CA LEU B 290 -19.99 0.00 7.78
C LEU B 290 -19.31 1.07 6.91
N ASP B 291 -19.43 2.32 7.35
CA ASP B 291 -18.78 3.40 6.61
C ASP B 291 -17.26 3.28 6.71
N HIS B 292 -16.76 2.90 7.87
CA HIS B 292 -15.33 2.65 7.99
C HIS B 292 -14.88 1.44 7.15
N VAL B 293 -15.71 0.40 7.07
CA VAL B 293 -15.41 -0.73 6.22
C VAL B 293 -15.29 -0.26 4.76
N LEU B 294 -16.26 0.54 4.34
CA LEU B 294 -16.26 1.12 3.02
C LEU B 294 -15.00 1.97 2.80
N LEU B 295 -14.63 2.82 3.77
CA LEU B 295 -13.36 3.56 3.73
C LEU B 295 -12.19 2.62 3.48
N THR B 296 -12.16 1.54 4.24
CA THR B 296 -11.04 0.60 4.19
C THR B 296 -10.97 -0.05 2.82
N LEU B 297 -12.12 -0.48 2.30
CA LEU B 297 -12.26 -1.11 0.97
C LEU B 297 -11.88 -0.19 -0.20
N GLN B 298 -12.07 1.11 0.00
CA GLN B 298 -11.78 2.06 -1.04
C GLN B 298 -10.26 2.21 -1.23
N LYS B 299 -9.52 1.95 -0.16
CA LYS B 299 -8.05 1.90 -0.19
C LYS B 299 -7.50 1.44 1.16
N PRO B 300 -7.36 0.11 1.35
CA PRO B 300 -6.87 -0.47 2.61
C PRO B 300 -5.50 -0.03 3.09
N ASN B 301 -5.36 0.08 4.41
CA ASN B 301 -4.06 0.12 5.07
C ASN B 301 -4.17 -0.44 6.47
N PRO B 302 -3.04 -0.76 7.14
CA PRO B 302 -3.10 -1.38 8.47
C PRO B 302 -3.74 -0.53 9.56
N ASP B 303 -3.59 0.78 9.49
CA ASP B 303 -4.13 1.63 10.55
C ASP B 303 -5.65 1.66 10.47
N LEU B 304 -6.18 1.82 9.27
CA LEU B 304 -7.63 1.76 9.11
C LEU B 304 -8.13 0.44 9.71
N LYS B 305 -7.42 -0.65 9.40
CA LYS B 305 -7.80 -2.00 9.92
C LYS B 305 -7.81 -2.08 11.46
N GLN B 306 -6.75 -1.62 12.10
CA GLN B 306 -6.70 -1.52 13.55
C GLN B 306 -7.88 -0.68 14.12
N GLN B 307 -8.31 0.34 13.38
CA GLN B 307 -9.48 1.15 13.80
C GLN B 307 -10.80 0.40 13.86
N LEU B 308 -10.90 -0.72 13.14
CA LEU B 308 -12.16 -1.48 13.14
C LEU B 308 -12.50 -1.96 14.55
N THR B 309 -11.45 -2.21 15.35
CA THR B 309 -11.61 -2.60 16.72
C THR B 309 -12.32 -1.53 17.56
N GLY B 310 -11.97 -0.27 17.39
CA GLY B 310 -12.64 0.81 18.11
C GLY B 310 -14.12 0.84 17.79
N HIS B 311 -14.45 0.79 16.51
CA HIS B 311 -15.82 0.75 16.05
C HIS B 311 -16.61 -0.43 16.61
N SER B 312 -15.95 -1.59 16.69
CA SER B 312 -16.60 -2.80 17.20
C SER B 312 -16.90 -2.67 18.71
N LYS B 313 -15.95 -2.14 19.46
CA LYS B 313 -16.17 -1.80 20.86
C LYS B 313 -17.32 -0.82 21.05
N ARG B 314 -17.43 0.15 20.15
CA ARG B 314 -18.46 1.17 20.28
C ARG B 314 -19.84 0.58 20.07
N VAL B 315 -19.99 -0.23 19.03
CA VAL B 315 -21.26 -0.94 18.76
C VAL B 315 -21.66 -1.83 19.94
N ALA B 316 -20.70 -2.62 20.43
CA ALA B 316 -20.85 -3.48 21.61
C ALA B 316 -21.40 -2.70 22.81
N GLY B 317 -20.88 -1.49 23.05
CA GLY B 317 -21.38 -0.58 24.06
C GLY B 317 -22.88 -0.33 23.93
N SER B 318 -23.35 0.02 22.72
CA SER B 318 -24.78 0.19 22.47
C SER B 318 -25.57 -1.10 22.65
N VAL B 319 -24.99 -2.23 22.23
CA VAL B 319 -25.67 -3.53 22.39
C VAL B 319 -25.87 -3.79 23.90
N THR B 320 -24.86 -3.49 24.71
CA THR B 320 -24.96 -3.66 26.18
C THR B 320 -26.09 -2.82 26.73
N GLU B 321 -26.12 -1.55 26.33
CA GLU B 321 -27.25 -0.67 26.67
C GLU B 321 -28.58 -1.25 26.27
N LEU B 322 -28.68 -1.79 25.06
CA LEU B 322 -29.94 -2.38 24.58
C LEU B 322 -30.40 -3.57 25.43
N ILE B 323 -29.47 -4.44 25.78
CA ILE B 323 -29.83 -5.61 26.59
C ILE B 323 -30.27 -5.17 27.99
N GLN B 324 -29.52 -4.27 28.63
CA GLN B 324 -29.97 -3.69 29.90
C GLN B 324 -31.35 -3.06 29.80
N ALA B 325 -31.62 -2.32 28.73
CA ALA B 325 -32.97 -1.80 28.45
C ALA B 325 -34.03 -2.89 28.36
N ALA B 326 -33.74 -3.97 27.65
CA ALA B 326 -34.61 -5.14 27.55
C ALA B 326 -34.86 -5.82 28.90
N GLU B 327 -33.81 -5.90 29.71
CA GLU B 327 -33.82 -6.53 31.03
C GLU B 327 -34.80 -5.75 31.92
N ALA B 328 -34.85 -4.43 31.73
CA ALA B 328 -35.67 -3.54 32.52
C ALA B 328 -37.14 -3.74 32.17
N MSE B 329 -37.40 -4.21 30.95
CA MSE B 329 -38.76 -4.45 30.48
C MSE B 329 -39.45 -5.61 31.20
O MSE B 329 -40.68 -5.64 31.21
CB MSE B 329 -38.76 -4.77 29.00
CG MSE B 329 -38.44 -3.60 28.13
SE MSE B 329 -38.50 -4.10 26.27
CE MSE B 329 -37.90 -2.39 25.53
N LYS B 330 -38.65 -6.53 31.75
CA LYS B 330 -39.16 -7.82 32.26
C LYS B 330 -40.04 -7.68 33.49
#